data_4XOU
#
_entry.id   4XOU
#
_cell.length_a   162.000
_cell.length_b   76.300
_cell.length_c   151.100
_cell.angle_alpha   90.00
_cell.angle_beta   109.00
_cell.angle_gamma   90.00
#
_symmetry.space_group_name_H-M   'C 1 2 1'
#
loop_
_entity.id
_entity.type
_entity.pdbx_description
1 polymer 'Sarcoplasmic/endoplasmic reticulum calcium ATPase 1'
2 non-polymer 'CALCIUM ION'
3 non-polymer 'POTASSIUM ION'
4 non-polymer 'PHOSPHOMETHYLPHOSPHONIC ACID ADENYLATE ESTER'
#
_entity_poly.entity_id   1
_entity_poly.type   'polypeptide(L)'
_entity_poly.pdbx_seq_one_letter_code
;MEAAHSKSTEECLAYFGVSETTGLTPDQVKRHLEKYGHNELPAEEGKSLWELVIEQFEDLLVRILLLAACISFVLAWFEE
GEETITAFVEPFVILLILIANAIVGVWQERNAENAIEALKEYEPEMGKVYRADRKSVQRIKARDIVPGDIVEVAVGDKVP
ADIRILSIKSTTLRVDQSILTGESVSVIKHTEPVPDPRAVNQDKKNMLFSGTNIAAGKALGIVATTGVSTEIGKIRDQMA
ATEQDKTPLQQKLDEFGEQLSKVISLICVAVWLINIGHFNDPVHGGSWIRGAIYYFKIAVALAVAAIPEGLPAVITTCLA
LGTRRMAKKNAIVRSLPSVETLGCTSVICSDKTGTLTTNQMSVCKMFIIDKVDGDFCSLNEFSITGSTYAPEGEVLKNDK
PIRSGQFDGLVELATICALCNDSSLDFNETKGVYEKVGEATETALTTLVEKMNVFNTEVRNLSKVERANACNSVIRQLMK
KEFTLEFSRDRKSMSVYCSPAKSSRAAVGNKMFVKGAPEGVIDRCNYVRVGTTRVPMTGPVKEKILSVIKEWGTGRDTLR
CLALATRDTPPKREEMVLDDSSRFMEYETDLTFVGVVGMLDPPRKEVMGSIQLCRDAGIRVIMITGDNKGTAIAICRRIG
IFGENEEVADRAYTGREFDDLPLAEQREACRRACCFARVEPSHKSKIVEYLQSYDEITAMTGDGVNDAPALKKAEIGIAM
GSGTAVAKTASEMVLADDNFSTIVAAVEEGRAIYNNMKQFIRYLISSNVGEVVCIFLTAALGLPEALIPVQLLWVNLVTD
GLPATALGFNPPDLDIMDRPPRSPKEPLISGWLFFRYMAIGGYVGAATVGAAAWWFMYAEDGPGVTYHQLTHFMQCTEDH
PHFEGLDCEIFEAPEPMTMALSVLVTIEMCNALNSLSENQSLMRMPPWVNIWLLGSICLSMSLHFLILYVDPLPMIFKLK
ALDLTQWLMVLKISLPVIGLDEILKFIARNYLEG
;
_entity_poly.pdbx_strand_id   A
#
loop_
_chem_comp.id
_chem_comp.type
_chem_comp.name
_chem_comp.formula
ACP non-polymer 'PHOSPHOMETHYLPHOSPHONIC ACID ADENYLATE ESTER' 'C11 H18 N5 O12 P3'
CA non-polymer 'CALCIUM ION' 'Ca 2'
K non-polymer 'POTASSIUM ION' 'K 1'
#
# COMPACT_ATOMS: atom_id res chain seq x y z
N MET A 1 8.43 -4.40 36.78
CA MET A 1 7.15 -5.08 36.64
C MET A 1 6.24 -4.79 37.82
N GLU A 2 5.17 -4.04 37.57
CA GLU A 2 4.13 -3.83 38.56
C GLU A 2 2.85 -4.47 38.07
N ALA A 3 2.39 -5.50 38.77
CA ALA A 3 1.28 -6.32 38.30
C ALA A 3 -0.07 -5.78 38.73
N ALA A 4 -0.08 -4.64 39.41
CA ALA A 4 -1.33 -4.11 39.96
C ALA A 4 -1.71 -2.75 39.39
N HIS A 5 -2.89 -2.70 38.78
CA HIS A 5 -3.51 -1.45 38.36
C HIS A 5 -4.43 -0.95 39.46
N SER A 6 -4.47 -1.70 40.56
CA SER A 6 -5.31 -1.39 41.70
C SER A 6 -4.63 -0.42 42.65
N LYS A 7 -3.31 -0.28 42.49
CA LYS A 7 -2.55 0.67 43.30
C LYS A 7 -2.93 2.10 42.93
N SER A 8 -2.68 3.04 43.84
CA SER A 8 -2.94 4.45 43.56
C SER A 8 -1.81 5.02 42.71
N THR A 9 -1.93 6.30 42.37
CA THR A 9 -0.90 6.97 41.59
C THR A 9 0.39 7.11 42.38
N GLU A 10 0.24 7.28 43.70
CA GLU A 10 1.39 7.43 44.59
C GLU A 10 2.12 6.10 44.80
N GLU A 11 1.36 5.02 44.91
CA GLU A 11 1.92 3.70 45.15
C GLU A 11 2.76 3.22 43.97
N CYS A 12 2.32 3.57 42.76
CA CYS A 12 3.05 3.19 41.56
C CYS A 12 4.39 3.92 41.49
N LEU A 13 4.38 5.20 41.85
CA LEU A 13 5.59 6.02 41.86
C LEU A 13 6.53 5.57 42.98
N ALA A 14 5.95 5.15 44.09
CA ALA A 14 6.74 4.70 45.24
C ALA A 14 7.36 3.32 44.99
N TYR A 15 6.67 2.52 44.19
CA TYR A 15 7.13 1.17 43.89
C TYR A 15 8.44 1.18 43.11
N PHE A 16 8.49 1.98 42.04
CA PHE A 16 9.69 2.07 41.22
C PHE A 16 10.65 3.13 41.76
N GLY A 17 10.19 3.89 42.76
CA GLY A 17 10.99 4.94 43.35
C GLY A 17 11.38 6.00 42.34
N VAL A 18 10.38 6.62 41.73
CA VAL A 18 10.62 7.60 40.67
C VAL A 18 9.85 8.89 40.92
N SER A 19 10.51 10.01 40.67
CA SER A 19 9.86 11.31 40.80
C SER A 19 8.93 11.55 39.60
N GLU A 20 7.73 12.05 39.88
CA GLU A 20 6.68 12.17 38.88
C GLU A 20 7.06 13.10 37.72
N THR A 21 7.72 14.21 38.03
CA THR A 21 8.02 15.22 37.02
C THR A 21 9.43 15.08 36.45
N THR A 22 10.26 14.26 37.07
CA THR A 22 11.66 14.15 36.68
C THR A 22 11.94 12.87 35.90
N GLY A 23 11.42 11.75 36.39
CA GLY A 23 11.61 10.47 35.72
C GLY A 23 12.81 9.71 36.24
N LEU A 24 13.05 8.52 35.69
CA LEU A 24 14.15 7.67 36.14
C LEU A 24 15.51 8.28 35.85
N THR A 25 16.44 8.09 36.78
CA THR A 25 17.83 8.50 36.60
C THR A 25 18.51 7.52 35.64
N PRO A 26 19.61 7.95 34.99
CA PRO A 26 20.36 7.07 34.08
C PRO A 26 20.75 5.73 34.71
N ASP A 27 21.07 5.74 36.00
CA ASP A 27 21.45 4.52 36.69
C ASP A 27 20.25 3.62 36.92
N GLN A 28 19.10 4.23 37.20
CA GLN A 28 17.85 3.48 37.36
C GLN A 28 17.46 2.78 36.06
N VAL A 29 17.60 3.51 34.95
CA VAL A 29 17.30 2.96 33.63
C VAL A 29 18.20 1.77 33.33
N LYS A 30 19.44 1.84 33.78
CA LYS A 30 20.40 0.76 33.59
C LYS A 30 19.98 -0.52 34.32
N ARG A 31 19.61 -0.38 35.59
CA ARG A 31 19.20 -1.51 36.40
C ARG A 31 17.91 -2.14 35.90
N HIS A 32 16.92 -1.30 35.62
CA HIS A 32 15.63 -1.75 35.13
C HIS A 32 15.77 -2.48 33.78
N LEU A 33 16.79 -2.09 33.02
CA LEU A 33 17.06 -2.71 31.74
C LEU A 33 17.66 -4.10 31.91
N GLU A 34 18.45 -4.27 32.97
CA GLU A 34 19.02 -5.57 33.28
C GLU A 34 17.97 -6.50 33.87
N LYS A 35 17.14 -5.93 34.76
CA LYS A 35 16.16 -6.72 35.50
C LYS A 35 14.95 -7.10 34.64
N TYR A 36 14.57 -6.21 33.73
CA TYR A 36 13.34 -6.42 32.97
C TYR A 36 13.58 -6.55 31.46
N GLY A 37 14.83 -6.41 31.04
CA GLY A 37 15.16 -6.53 29.62
C GLY A 37 14.66 -5.34 28.81
N HIS A 38 14.95 -5.35 27.52
CA HIS A 38 14.49 -4.30 26.63
C HIS A 38 13.01 -4.46 26.33
N ASN A 39 12.30 -3.34 26.19
CA ASN A 39 10.89 -3.38 25.80
C ASN A 39 10.74 -3.82 24.35
N GLU A 40 11.13 -5.07 24.08
CA GLU A 40 11.05 -5.63 22.75
C GLU A 40 10.65 -7.09 22.86
N LEU A 41 9.63 -7.48 22.11
CA LEU A 41 9.36 -8.90 21.96
C LEU A 41 10.40 -9.40 20.93
N PRO A 42 10.71 -10.71 20.90
CA PRO A 42 11.72 -11.18 19.95
C PRO A 42 11.35 -10.89 18.49
N ALA A 43 10.02 -10.77 18.26
CA ALA A 43 9.30 -10.62 16.99
C ALA A 43 9.12 -11.97 16.32
N GLU A 44 9.59 -13.00 17.03
CA GLU A 44 9.59 -14.38 16.56
C GLU A 44 10.31 -14.55 15.24
N GLU A 45 11.46 -15.22 15.29
CA GLU A 45 12.27 -15.44 14.11
C GLU A 45 11.56 -16.34 13.11
N GLY A 46 10.74 -17.25 13.63
CA GLY A 46 9.97 -18.15 12.79
C GLY A 46 8.71 -17.50 12.26
N LYS A 47 8.89 -16.53 11.37
CA LYS A 47 7.77 -15.89 10.69
C LYS A 47 6.99 -16.92 9.88
N SER A 48 7.74 -17.80 9.22
CA SER A 48 7.15 -18.87 8.41
C SER A 48 7.97 -20.14 8.49
N LEU A 49 7.33 -21.27 8.22
CA LEU A 49 8.01 -22.56 8.11
C LEU A 49 8.27 -22.87 6.65
N TRP A 50 9.51 -23.26 6.35
CA TRP A 50 9.92 -23.52 4.96
C TRP A 50 8.88 -24.36 4.23
N GLU A 51 8.51 -25.50 4.82
CA GLU A 51 7.49 -26.36 4.24
C GLU A 51 6.12 -25.67 4.19
N LEU A 52 5.77 -24.93 5.25
CA LEU A 52 4.52 -24.18 5.25
C LEU A 52 4.48 -23.22 4.07
N VAL A 53 5.64 -22.67 3.70
CA VAL A 53 5.71 -21.84 2.51
C VAL A 53 5.54 -22.71 1.26
N ILE A 54 5.96 -23.97 1.35
CA ILE A 54 5.93 -24.90 0.21
C ILE A 54 4.50 -25.31 -0.17
N GLU A 55 3.58 -25.24 0.79
CA GLU A 55 2.19 -25.65 0.50
C GLU A 55 1.52 -24.72 -0.50
N GLN A 56 1.90 -24.85 -1.77
CA GLN A 56 1.25 -24.11 -2.83
C GLN A 56 0.40 -25.08 -3.65
N PHE A 57 -0.03 -26.15 -3.00
CA PHE A 57 -0.79 -27.21 -3.66
C PHE A 57 -2.27 -27.13 -3.28
N GLU A 58 -2.70 -25.96 -2.82
CA GLU A 58 -4.06 -25.79 -2.34
C GLU A 58 -5.07 -25.49 -3.44
N ASP A 59 -4.62 -24.78 -4.49
CA ASP A 59 -5.51 -24.38 -5.57
C ASP A 59 -6.12 -25.60 -6.27
N LEU A 60 -7.31 -25.39 -6.84
CA LEU A 60 -8.02 -26.45 -7.53
C LEU A 60 -7.19 -27.03 -8.68
N LEU A 61 -6.48 -26.16 -9.38
CA LEU A 61 -5.71 -26.57 -10.56
C LEU A 61 -4.55 -27.50 -10.23
N VAL A 62 -3.86 -27.21 -9.13
CA VAL A 62 -2.77 -28.07 -8.69
C VAL A 62 -3.32 -29.42 -8.25
N ARG A 63 -4.49 -29.39 -7.60
CA ARG A 63 -5.14 -30.60 -7.11
C ARG A 63 -5.62 -31.49 -8.25
N ILE A 64 -5.99 -30.89 -9.37
CA ILE A 64 -6.43 -31.67 -10.53
C ILE A 64 -5.27 -32.48 -11.12
N LEU A 65 -4.17 -31.78 -11.43
CA LEU A 65 -2.99 -32.44 -11.95
C LEU A 65 -2.41 -33.42 -10.93
N LEU A 66 -2.55 -33.08 -9.65
CA LEU A 66 -2.10 -33.94 -8.57
C LEU A 66 -2.81 -35.28 -8.65
N LEU A 67 -4.12 -35.23 -8.87
CA LEU A 67 -4.93 -36.43 -9.03
C LEU A 67 -4.67 -37.08 -10.39
N ALA A 68 -4.42 -36.26 -11.40
CA ALA A 68 -4.17 -36.74 -12.75
C ALA A 68 -2.90 -37.59 -12.82
N ALA A 69 -1.90 -37.21 -12.04
CA ALA A 69 -0.66 -37.97 -11.98
C ALA A 69 -0.88 -39.27 -11.23
N CYS A 70 -1.82 -39.25 -10.28
CA CYS A 70 -2.14 -40.43 -9.49
C CYS A 70 -2.75 -41.53 -10.34
N ILE A 71 -3.67 -41.17 -11.23
CA ILE A 71 -4.34 -42.16 -12.06
C ILE A 71 -3.35 -42.78 -13.04
N SER A 72 -2.38 -41.99 -13.50
CA SER A 72 -1.34 -42.51 -14.39
C SER A 72 -0.34 -43.35 -13.61
N PHE A 73 -0.34 -43.17 -12.29
CA PHE A 73 0.50 -43.96 -11.40
C PHE A 73 -0.20 -45.27 -11.04
N VAL A 74 -1.53 -45.23 -11.04
CA VAL A 74 -2.32 -46.43 -10.79
C VAL A 74 -2.40 -47.27 -12.07
N LEU A 75 -2.47 -46.60 -13.22
CA LEU A 75 -2.50 -47.29 -14.51
C LEU A 75 -1.14 -47.88 -14.86
N ALA A 76 -0.13 -47.58 -14.05
CA ALA A 76 1.22 -48.07 -14.31
C ALA A 76 1.63 -49.17 -13.34
N TRP A 77 0.85 -49.36 -12.27
CA TRP A 77 1.19 -50.33 -11.24
C TRP A 77 0.69 -51.74 -11.56
N PHE A 78 -0.50 -51.83 -12.17
CA PHE A 78 -1.10 -53.12 -12.48
C PHE A 78 -1.82 -53.09 -13.83
N GLU A 79 -1.31 -53.88 -14.77
CA GLU A 79 -1.87 -53.94 -16.13
C GLU A 79 -2.00 -52.54 -16.70
N GLU A 80 -3.09 -52.29 -17.40
CA GLU A 80 -3.46 -50.95 -17.87
C GLU A 80 -2.30 -50.26 -18.59
N GLY A 81 -1.57 -51.06 -19.37
CA GLY A 81 -0.36 -50.62 -20.03
C GLY A 81 0.66 -51.74 -20.01
N GLU A 82 1.27 -52.02 -21.16
CA GLU A 82 2.23 -53.10 -21.27
C GLU A 82 3.62 -52.69 -20.77
N GLU A 83 4.26 -51.79 -21.50
CA GLU A 83 5.57 -51.29 -21.10
C GLU A 83 5.42 -50.29 -19.95
N THR A 84 5.81 -50.72 -18.75
CA THR A 84 5.52 -49.96 -17.54
C THR A 84 6.40 -48.73 -17.31
N ILE A 85 7.67 -48.81 -17.74
CA ILE A 85 8.62 -47.73 -17.49
C ILE A 85 8.18 -46.42 -18.14
N THR A 86 7.74 -46.51 -19.39
CA THR A 86 7.22 -45.34 -20.10
C THR A 86 5.99 -44.78 -19.37
N ALA A 87 5.24 -45.66 -18.72
CA ALA A 87 4.07 -45.27 -17.96
C ALA A 87 4.46 -44.76 -16.56
N PHE A 88 5.72 -44.97 -16.20
CA PHE A 88 6.23 -44.44 -14.94
C PHE A 88 6.84 -43.06 -15.16
N VAL A 89 7.12 -42.75 -16.42
CA VAL A 89 7.59 -41.42 -16.79
C VAL A 89 6.45 -40.43 -16.70
N GLU A 90 5.25 -40.88 -17.05
CA GLU A 90 4.06 -40.04 -17.08
C GLU A 90 3.78 -39.28 -15.77
N PRO A 91 3.71 -39.98 -14.63
CA PRO A 91 3.39 -39.19 -13.43
C PRO A 91 4.56 -38.34 -12.96
N PHE A 92 5.78 -38.77 -13.29
CA PHE A 92 6.98 -38.04 -12.87
C PHE A 92 7.19 -36.78 -13.70
N VAL A 93 6.66 -36.79 -14.93
CA VAL A 93 6.69 -35.59 -15.77
C VAL A 93 5.72 -34.56 -15.20
N ILE A 94 4.55 -35.02 -14.76
CA ILE A 94 3.54 -34.15 -14.18
C ILE A 94 4.01 -33.55 -12.85
N LEU A 95 4.67 -34.36 -12.03
CA LEU A 95 5.23 -33.87 -10.78
C LEU A 95 6.33 -32.84 -11.05
N LEU A 96 7.10 -33.07 -12.11
CA LEU A 96 8.24 -32.24 -12.46
C LEU A 96 7.85 -30.78 -12.72
N ILE A 97 6.79 -30.56 -13.47
CA ILE A 97 6.37 -29.21 -13.84
C ILE A 97 5.79 -28.48 -12.63
N LEU A 98 5.15 -29.21 -11.73
CA LEU A 98 4.57 -28.62 -10.53
C LEU A 98 5.65 -28.11 -9.58
N ILE A 99 6.64 -28.95 -9.32
CA ILE A 99 7.74 -28.59 -8.44
C ILE A 99 8.49 -27.37 -8.97
N ALA A 100 8.67 -27.33 -10.29
CA ALA A 100 9.33 -26.20 -10.94
C ALA A 100 8.62 -24.89 -10.61
N ASN A 101 7.30 -24.87 -10.80
CA ASN A 101 6.49 -23.71 -10.45
C ASN A 101 6.42 -23.53 -8.93
N ALA A 102 6.50 -24.64 -8.20
CA ALA A 102 6.48 -24.59 -6.75
C ALA A 102 7.72 -23.91 -6.23
N ILE A 103 8.88 -24.31 -6.74
CA ILE A 103 10.15 -23.69 -6.38
C ILE A 103 10.11 -22.19 -6.66
N VAL A 104 9.59 -21.82 -7.83
CA VAL A 104 9.45 -20.42 -8.21
C VAL A 104 8.52 -19.67 -7.24
N GLY A 105 7.38 -20.27 -6.95
CA GLY A 105 6.42 -19.67 -6.03
C GLY A 105 6.96 -19.51 -4.62
N VAL A 106 7.53 -20.60 -4.10
CA VAL A 106 8.13 -20.60 -2.76
C VAL A 106 9.23 -19.56 -2.67
N TRP A 107 10.02 -19.45 -3.73
CA TRP A 107 11.16 -18.54 -3.76
C TRP A 107 10.72 -17.08 -3.62
N GLN A 108 9.69 -16.69 -4.36
CA GLN A 108 9.23 -15.30 -4.35
C GLN A 108 8.53 -14.94 -3.05
N GLU A 109 7.80 -15.89 -2.47
CA GLU A 109 7.16 -15.68 -1.18
C GLU A 109 8.23 -15.48 -0.12
N ARG A 110 9.35 -16.17 -0.28
CA ARG A 110 10.48 -16.07 0.63
C ARG A 110 11.14 -14.70 0.54
N ASN A 111 11.44 -14.28 -0.68
CA ASN A 111 12.06 -12.98 -0.93
C ASN A 111 11.19 -11.82 -0.45
N ALA A 112 9.89 -11.96 -0.64
CA ALA A 112 8.94 -10.91 -0.25
C ALA A 112 8.97 -10.70 1.26
N GLU A 113 8.73 -11.77 2.01
CA GLU A 113 8.71 -11.70 3.48
C GLU A 113 9.99 -11.10 4.03
N ASN A 114 11.13 -11.57 3.54
CA ASN A 114 12.43 -11.04 3.97
C ASN A 114 12.56 -9.55 3.71
N ALA A 115 12.14 -9.11 2.53
CA ALA A 115 12.22 -7.70 2.15
C ALA A 115 11.24 -6.86 2.98
N ILE A 116 10.08 -7.44 3.28
CA ILE A 116 9.07 -6.75 4.08
C ILE A 116 9.55 -6.51 5.50
N GLU A 117 10.05 -7.56 6.14
CA GLU A 117 10.52 -7.47 7.53
C GLU A 117 11.73 -6.55 7.65
N ALA A 118 12.55 -6.52 6.60
CA ALA A 118 13.74 -5.67 6.58
C ALA A 118 13.34 -4.20 6.55
N LEU A 119 12.30 -3.90 5.78
CA LEU A 119 11.82 -2.53 5.64
C LEU A 119 11.09 -2.07 6.91
N LYS A 120 10.47 -3.01 7.60
CA LYS A 120 9.71 -2.71 8.82
C LYS A 120 10.62 -2.29 9.97
N GLU A 121 11.87 -2.71 9.93
CA GLU A 121 12.82 -2.41 10.99
C GLU A 121 13.63 -1.14 10.73
N TYR A 122 13.39 -0.49 9.61
CA TYR A 122 14.19 0.67 9.21
C TYR A 122 14.01 1.84 10.18
N GLU A 123 12.77 2.10 10.57
CA GLU A 123 12.50 3.18 11.52
C GLU A 123 12.19 2.63 12.90
N PRO A 124 13.12 2.83 13.85
CA PRO A 124 12.91 2.40 15.23
C PRO A 124 11.81 3.20 15.91
N GLU A 125 10.84 2.51 16.50
CA GLU A 125 9.73 3.18 17.17
C GLU A 125 10.23 4.02 18.34
N MET A 126 9.90 5.30 18.32
CA MET A 126 10.33 6.22 19.36
C MET A 126 9.22 6.48 20.38
N GLY A 127 9.62 6.84 21.59
CA GLY A 127 8.66 7.15 22.64
C GLY A 127 9.05 8.39 23.41
N LYS A 128 8.08 9.06 23.99
CA LYS A 128 8.32 10.27 24.76
C LYS A 128 8.45 9.96 26.25
N VAL A 129 9.62 10.26 26.82
CA VAL A 129 9.85 9.98 28.23
C VAL A 129 10.46 11.16 28.97
N TYR A 130 10.12 11.28 30.25
CA TYR A 130 10.81 12.19 31.16
C TYR A 130 11.89 11.41 31.89
N ARG A 131 13.13 11.87 31.79
CA ARG A 131 14.23 11.24 32.51
C ARG A 131 15.13 12.29 33.15
N ALA A 132 15.82 11.89 34.21
CA ALA A 132 16.50 12.82 35.12
C ALA A 132 17.59 13.68 34.48
N ASP A 133 18.14 13.23 33.36
CA ASP A 133 19.22 13.97 32.71
C ASP A 133 18.68 15.14 31.88
N ARG A 134 17.36 15.25 31.80
CA ARG A 134 16.72 16.33 31.04
C ARG A 134 15.52 16.90 31.77
N LYS A 135 15.37 18.22 31.71
CA LYS A 135 14.22 18.88 32.32
C LYS A 135 12.97 18.69 31.47
N SER A 136 13.11 18.90 30.16
CA SER A 136 11.99 18.71 29.24
C SER A 136 11.87 17.26 28.81
N VAL A 137 10.71 16.91 28.25
CA VAL A 137 10.48 15.55 27.79
C VAL A 137 11.40 15.21 26.62
N GLN A 138 11.92 13.98 26.61
CA GLN A 138 12.84 13.55 25.56
C GLN A 138 12.32 12.32 24.83
N ARG A 139 12.81 12.13 23.60
CA ARG A 139 12.38 10.99 22.80
C ARG A 139 13.47 9.91 22.75
N ILE A 140 13.07 8.68 23.08
CA ILE A 140 13.98 7.55 23.04
C ILE A 140 13.36 6.41 22.25
N LYS A 141 14.19 5.46 21.82
CA LYS A 141 13.69 4.25 21.17
C LYS A 141 12.81 3.50 22.15
N ALA A 142 11.69 2.96 21.65
CA ALA A 142 10.69 2.31 22.49
C ALA A 142 11.25 1.10 23.21
N ARG A 143 12.27 0.47 22.64
CA ARG A 143 12.86 -0.72 23.23
C ARG A 143 13.72 -0.38 24.44
N ASP A 144 14.07 0.89 24.59
CA ASP A 144 14.87 1.34 25.72
C ASP A 144 13.98 1.83 26.86
N ILE A 145 12.67 1.75 26.66
CA ILE A 145 11.72 2.11 27.69
C ILE A 145 11.61 1.00 28.72
N VAL A 146 11.84 1.33 29.98
CA VAL A 146 11.83 0.35 31.06
C VAL A 146 10.69 0.64 32.04
N PRO A 147 10.21 -0.40 32.73
CA PRO A 147 9.15 -0.20 33.73
C PRO A 147 9.56 0.78 34.82
N GLY A 148 8.80 1.85 35.01
CA GLY A 148 9.06 2.79 36.07
C GLY A 148 9.32 4.22 35.64
N ASP A 149 9.69 4.42 34.38
CA ASP A 149 9.97 5.77 33.91
C ASP A 149 8.70 6.48 33.45
N ILE A 150 8.74 7.81 33.47
CA ILE A 150 7.60 8.62 33.11
C ILE A 150 7.46 8.75 31.60
N VAL A 151 6.33 8.29 31.07
CA VAL A 151 6.09 8.33 29.64
C VAL A 151 4.93 9.26 29.28
N GLU A 152 5.16 10.11 28.29
CA GLU A 152 4.14 11.05 27.84
C GLU A 152 3.49 10.58 26.56
N VAL A 153 2.15 10.64 26.51
CA VAL A 153 1.40 10.18 25.35
C VAL A 153 0.44 11.27 24.86
N ALA A 154 0.38 11.45 23.55
CA ALA A 154 -0.48 12.47 22.97
C ALA A 154 -1.35 11.90 21.85
N VAL A 155 -2.21 12.75 21.28
CA VAL A 155 -3.11 12.36 20.21
C VAL A 155 -2.36 11.82 19.00
N GLY A 156 -2.72 10.62 18.57
CA GLY A 156 -2.11 10.03 17.38
C GLY A 156 -0.91 9.16 17.68
N ASP A 157 -0.58 9.03 18.95
CA ASP A 157 0.58 8.24 19.35
C ASP A 157 0.24 6.78 19.58
N LYS A 158 1.13 5.89 19.16
CA LYS A 158 1.06 4.49 19.51
C LYS A 158 1.61 4.30 20.91
N VAL A 159 0.80 3.75 21.81
CA VAL A 159 1.23 3.53 23.19
C VAL A 159 2.42 2.57 23.22
N PRO A 160 3.58 3.07 23.67
CA PRO A 160 4.85 2.32 23.63
C PRO A 160 4.92 1.15 24.61
N ALA A 161 4.20 1.25 25.72
CA ALA A 161 4.22 0.20 26.74
C ALA A 161 2.99 0.25 27.64
N ASP A 162 2.81 -0.77 28.46
CA ASP A 162 1.72 -0.79 29.42
C ASP A 162 1.94 0.28 30.48
N ILE A 163 1.00 1.23 30.56
CA ILE A 163 1.21 2.44 31.34
C ILE A 163 0.07 2.75 32.31
N ARG A 164 0.43 2.97 33.57
CA ARG A 164 -0.52 3.45 34.58
C ARG A 164 -0.63 4.97 34.50
N ILE A 165 -1.85 5.47 34.32
CA ILE A 165 -2.08 6.90 34.17
C ILE A 165 -1.87 7.64 35.48
N LEU A 166 -1.06 8.69 35.42
CA LEU A 166 -0.78 9.50 36.61
C LEU A 166 -1.51 10.84 36.54
N SER A 167 -1.53 11.44 35.35
CA SER A 167 -2.16 12.75 35.17
C SER A 167 -2.62 12.96 33.74
N ILE A 168 -3.87 13.40 33.60
CA ILE A 168 -4.42 13.74 32.29
C ILE A 168 -4.39 15.25 32.08
N LYS A 169 -3.52 15.71 31.19
CA LYS A 169 -3.36 17.14 30.93
C LYS A 169 -4.57 17.71 30.22
N SER A 170 -5.21 16.89 29.39
CA SER A 170 -6.43 17.29 28.70
C SER A 170 -7.63 17.15 29.65
N THR A 171 -8.80 17.57 29.19
CA THR A 171 -10.01 17.42 29.99
C THR A 171 -10.60 16.03 29.83
N THR A 172 -10.10 15.30 28.84
CA THR A 172 -10.53 13.92 28.62
C THR A 172 -9.46 13.14 27.86
N LEU A 173 -9.55 11.82 27.93
CA LEU A 173 -8.60 10.95 27.23
C LEU A 173 -9.31 9.75 26.61
N ARG A 174 -9.34 9.70 25.29
CA ARG A 174 -9.95 8.59 24.58
C ARG A 174 -8.90 7.76 23.85
N VAL A 175 -9.06 6.44 23.88
CA VAL A 175 -8.05 5.53 23.37
C VAL A 175 -8.64 4.46 22.46
N ASP A 176 -7.98 4.22 21.33
CA ASP A 176 -8.36 3.15 20.41
C ASP A 176 -7.72 1.83 20.82
N GLN A 177 -8.52 0.95 21.42
CA GLN A 177 -8.02 -0.34 21.91
C GLN A 177 -8.52 -1.52 21.09
N SER A 178 -8.84 -1.26 19.82
CA SER A 178 -9.41 -2.28 18.96
C SER A 178 -8.46 -3.46 18.72
N ILE A 179 -7.16 -3.19 18.78
CA ILE A 179 -6.15 -4.21 18.51
C ILE A 179 -6.06 -5.24 19.65
N LEU A 180 -6.66 -4.92 20.78
CA LEU A 180 -6.58 -5.77 21.95
C LEU A 180 -7.94 -6.29 22.43
N THR A 181 -8.93 -5.40 22.47
CA THR A 181 -10.22 -5.73 23.05
C THR A 181 -11.33 -5.85 21.99
N GLY A 182 -11.07 -5.34 20.80
CA GLY A 182 -12.04 -5.41 19.73
C GLY A 182 -13.11 -4.35 19.82
N GLU A 183 -12.99 -3.47 20.82
CA GLU A 183 -13.92 -2.37 20.99
C GLU A 183 -13.80 -1.38 19.83
N SER A 184 -14.83 -1.34 18.99
CA SER A 184 -14.81 -0.54 17.76
C SER A 184 -14.58 0.95 18.02
N VAL A 185 -15.34 1.50 18.97
CA VAL A 185 -15.23 2.91 19.30
C VAL A 185 -14.24 3.14 20.43
N SER A 186 -13.73 4.36 20.53
CA SER A 186 -12.74 4.71 21.56
C SER A 186 -13.37 4.68 22.94
N VAL A 187 -12.54 4.45 23.95
CA VAL A 187 -13.01 4.39 25.33
C VAL A 187 -12.34 5.47 26.19
N ILE A 188 -12.99 5.84 27.27
CA ILE A 188 -12.52 6.91 28.15
C ILE A 188 -11.67 6.35 29.28
N LYS A 189 -10.57 7.04 29.59
CA LYS A 189 -9.65 6.62 30.65
C LYS A 189 -9.64 7.62 31.80
N HIS A 190 -9.21 7.16 32.97
CA HIS A 190 -9.08 8.02 34.14
C HIS A 190 -7.85 7.65 34.96
N THR A 191 -7.69 8.28 36.12
CA THR A 191 -6.49 8.09 36.94
C THR A 191 -6.77 7.33 38.23
N GLU A 192 -8.04 7.24 38.61
CA GLU A 192 -8.41 6.54 39.84
C GLU A 192 -8.15 5.04 39.71
N PRO A 193 -7.76 4.40 40.83
CA PRO A 193 -7.41 2.98 40.79
C PRO A 193 -8.61 2.05 40.63
N VAL A 194 -8.42 0.95 39.88
CA VAL A 194 -9.44 -0.09 39.78
C VAL A 194 -9.10 -1.21 40.77
N PRO A 195 -9.83 -1.24 41.90
CA PRO A 195 -9.54 -2.06 43.08
C PRO A 195 -9.33 -3.55 42.78
N ASP A 196 -10.09 -4.09 41.82
CA ASP A 196 -9.98 -5.51 41.48
C ASP A 196 -8.64 -5.81 40.82
N PRO A 197 -7.88 -6.76 41.37
CA PRO A 197 -6.59 -7.20 40.81
C PRO A 197 -6.76 -8.09 39.58
N ARG A 198 -7.79 -8.91 39.58
CA ARG A 198 -8.03 -9.86 38.49
C ARG A 198 -8.91 -9.27 37.40
N ALA A 199 -9.05 -7.95 37.39
CA ALA A 199 -9.93 -7.27 36.45
C ALA A 199 -9.52 -7.52 35.00
N VAL A 200 -10.52 -7.72 34.15
CA VAL A 200 -10.27 -7.92 32.72
C VAL A 200 -9.76 -6.63 32.10
N ASN A 201 -9.18 -6.73 30.91
CA ASN A 201 -8.55 -5.59 30.24
C ASN A 201 -9.51 -4.42 29.99
N GLN A 202 -10.78 -4.73 29.73
CA GLN A 202 -11.77 -3.71 29.41
C GLN A 202 -12.07 -2.80 30.61
N ASP A 203 -11.77 -3.28 31.81
CA ASP A 203 -12.08 -2.54 33.02
C ASP A 203 -10.87 -1.79 33.57
N LYS A 204 -9.71 -2.01 32.96
CA LYS A 204 -8.50 -1.30 33.37
C LYS A 204 -8.49 0.11 32.78
N LYS A 205 -9.42 0.94 33.24
CA LYS A 205 -9.62 2.27 32.68
C LYS A 205 -8.54 3.27 33.12
N ASN A 206 -7.61 2.81 33.95
CA ASN A 206 -6.50 3.64 34.36
C ASN A 206 -5.19 3.17 33.72
N MET A 207 -5.32 2.44 32.62
CA MET A 207 -4.17 1.83 31.98
C MET A 207 -4.12 2.08 30.48
N LEU A 208 -2.92 2.28 29.96
CA LEU A 208 -2.69 2.30 28.51
C LEU A 208 -1.97 1.02 28.12
N PHE A 209 -2.45 0.37 27.07
CA PHE A 209 -1.86 -0.89 26.63
C PHE A 209 -1.02 -0.67 25.38
N SER A 210 0.16 -1.28 25.36
CA SER A 210 1.07 -1.17 24.22
C SER A 210 0.41 -1.68 22.95
N GLY A 211 0.48 -0.86 21.89
CA GLY A 211 -0.12 -1.23 20.62
C GLY A 211 -1.42 -0.50 20.36
N THR A 212 -1.97 0.12 21.40
CA THR A 212 -3.19 0.90 21.26
C THR A 212 -2.87 2.33 20.87
N ASN A 213 -3.88 3.09 20.44
CA ASN A 213 -3.68 4.45 19.98
C ASN A 213 -4.47 5.48 20.80
N ILE A 214 -3.82 6.59 21.13
CA ILE A 214 -4.49 7.68 21.81
C ILE A 214 -5.39 8.43 20.83
N ALA A 215 -6.70 8.25 20.97
CA ALA A 215 -7.65 8.87 20.06
C ALA A 215 -7.81 10.36 20.34
N ALA A 216 -7.78 10.73 21.60
CA ALA A 216 -7.93 12.13 22.00
C ALA A 216 -7.31 12.39 23.37
N GLY A 217 -6.74 13.58 23.53
CA GLY A 217 -6.19 13.99 24.81
C GLY A 217 -4.70 13.76 24.96
N LYS A 218 -4.16 14.21 26.07
CA LYS A 218 -2.74 14.06 26.37
C LYS A 218 -2.56 13.61 27.82
N ALA A 219 -1.68 12.65 28.05
CA ALA A 219 -1.55 12.06 29.38
C ALA A 219 -0.10 11.85 29.83
N LEU A 220 0.09 11.81 31.14
CA LEU A 220 1.36 11.47 31.75
C LEU A 220 1.19 10.16 32.51
N GLY A 221 2.15 9.25 32.35
CA GLY A 221 2.03 7.96 32.98
C GLY A 221 3.36 7.28 33.29
N ILE A 222 3.27 6.17 34.01
CA ILE A 222 4.45 5.39 34.37
C ILE A 222 4.29 3.95 33.89
N VAL A 223 5.34 3.40 33.30
CA VAL A 223 5.29 2.05 32.73
C VAL A 223 5.16 0.99 33.81
N ALA A 224 4.14 0.15 33.70
CA ALA A 224 3.95 -0.96 34.61
C ALA A 224 4.74 -2.18 34.14
N THR A 225 4.54 -2.54 32.87
CA THR A 225 5.23 -3.69 32.30
C THR A 225 5.76 -3.39 30.90
N THR A 226 6.80 -4.12 30.49
CA THR A 226 7.37 -3.99 29.16
C THR A 226 7.58 -5.36 28.53
N GLY A 227 8.11 -5.38 27.31
CA GLY A 227 8.48 -6.60 26.62
C GLY A 227 7.37 -7.62 26.47
N VAL A 228 7.60 -8.82 26.99
CA VAL A 228 6.66 -9.92 26.85
C VAL A 228 5.58 -9.88 27.93
N SER A 229 5.88 -9.18 29.02
CA SER A 229 4.90 -9.02 30.11
C SER A 229 3.77 -8.08 29.69
N THR A 230 3.98 -7.39 28.59
CA THR A 230 2.98 -6.49 28.01
C THR A 230 1.75 -7.25 27.53
N GLU A 231 0.57 -6.68 27.78
CA GLU A 231 -0.70 -7.30 27.42
C GLU A 231 -0.81 -7.76 25.96
N ILE A 232 -0.26 -6.95 25.05
CA ILE A 232 -0.35 -7.28 23.62
C ILE A 232 0.69 -8.31 23.22
N GLY A 233 1.73 -8.47 24.04
CA GLY A 233 2.81 -9.39 23.74
C GLY A 233 2.42 -10.83 23.95
N LYS A 234 1.51 -11.07 24.90
CA LYS A 234 1.08 -12.41 25.25
C LYS A 234 0.17 -13.02 24.17
N ILE A 235 -0.50 -12.16 23.41
CA ILE A 235 -1.57 -12.60 22.52
C ILE A 235 -1.20 -12.60 21.04
N ARG A 236 0.02 -12.18 20.72
CA ARG A 236 0.44 -12.05 19.32
C ARG A 236 0.39 -13.40 18.59
N ASP A 237 0.94 -14.44 19.21
CA ASP A 237 0.94 -15.77 18.63
C ASP A 237 0.00 -16.71 19.36
N GLN A 238 -0.77 -16.18 20.30
CA GLN A 238 -1.64 -16.99 21.14
C GLN A 238 -2.80 -17.58 20.35
N MET A 239 -3.41 -16.77 19.49
CA MET A 239 -4.53 -17.25 18.68
C MET A 239 -4.21 -17.19 17.19
N ALA A 240 -4.73 -18.15 16.44
CA ALA A 240 -4.44 -18.27 15.02
C ALA A 240 -5.64 -17.95 14.14
N ALA A 241 -5.45 -18.12 12.83
CA ALA A 241 -6.52 -17.94 11.83
C ALA A 241 -7.09 -16.51 11.81
N THR A 242 -6.27 -15.52 12.11
CA THR A 242 -6.68 -14.12 12.01
C THR A 242 -6.14 -13.49 10.72
N GLU A 243 -5.73 -14.35 9.79
CA GLU A 243 -4.97 -13.91 8.62
C GLU A 243 -5.87 -13.50 7.47
N GLN A 244 -5.25 -12.94 6.43
CA GLN A 244 -5.97 -12.31 5.32
C GLN A 244 -6.55 -13.31 4.33
N ASP A 245 -7.57 -12.87 3.60
CA ASP A 245 -8.20 -13.68 2.56
C ASP A 245 -7.69 -13.27 1.17
N LYS A 246 -8.14 -13.98 0.14
CA LYS A 246 -7.67 -13.71 -1.22
C LYS A 246 -8.19 -12.39 -1.78
N THR A 247 -7.34 -11.73 -2.57
CA THR A 247 -7.63 -10.41 -3.11
C THR A 247 -8.69 -10.45 -4.21
N PRO A 248 -9.36 -9.31 -4.48
CA PRO A 248 -10.36 -9.19 -5.55
C PRO A 248 -9.91 -9.76 -6.90
N LEU A 249 -8.71 -9.40 -7.35
CA LEU A 249 -8.19 -9.93 -8.60
C LEU A 249 -7.97 -11.44 -8.50
N GLN A 250 -7.53 -11.89 -7.33
CA GLN A 250 -7.28 -13.30 -7.09
C GLN A 250 -8.58 -14.09 -7.06
N GLN A 251 -9.63 -13.49 -6.51
CA GLN A 251 -10.95 -14.09 -6.51
C GLN A 251 -11.52 -14.13 -7.93
N LYS A 252 -11.14 -13.14 -8.73
CA LYS A 252 -11.59 -13.06 -10.11
C LYS A 252 -10.96 -14.18 -10.94
N LEU A 253 -9.73 -14.54 -10.60
CA LEU A 253 -9.01 -15.60 -11.30
C LEU A 253 -9.41 -16.98 -10.77
N ASP A 254 -9.85 -17.03 -9.52
CA ASP A 254 -10.34 -18.27 -8.93
C ASP A 254 -11.62 -18.68 -9.64
N GLU A 255 -12.52 -17.72 -9.82
CA GLU A 255 -13.72 -17.90 -10.63
C GLU A 255 -13.35 -18.41 -12.02
N PHE A 256 -12.33 -17.78 -12.60
CA PHE A 256 -11.89 -18.07 -13.95
C PHE A 256 -11.35 -19.49 -14.08
N GLY A 257 -10.58 -19.92 -13.08
CA GLY A 257 -9.98 -21.24 -13.09
C GLY A 257 -10.99 -22.37 -13.06
N GLU A 258 -12.09 -22.15 -12.35
CA GLU A 258 -13.13 -23.17 -12.24
C GLU A 258 -13.94 -23.29 -13.52
N GLN A 259 -14.20 -22.17 -14.18
CA GLN A 259 -14.91 -22.17 -15.44
C GLN A 259 -14.09 -22.90 -16.50
N LEU A 260 -12.76 -22.75 -16.42
CA LEU A 260 -11.86 -23.46 -17.31
C LEU A 260 -11.94 -24.96 -17.06
N SER A 261 -12.10 -25.33 -15.80
CA SER A 261 -12.20 -26.73 -15.41
C SER A 261 -13.43 -27.39 -16.03
N LYS A 262 -14.54 -26.67 -16.05
CA LYS A 262 -15.78 -27.23 -16.59
C LYS A 262 -15.70 -27.39 -18.10
N VAL A 263 -14.97 -26.50 -18.76
CA VAL A 263 -14.83 -26.55 -20.20
C VAL A 263 -13.91 -27.69 -20.62
N ILE A 264 -12.71 -27.70 -20.02
CA ILE A 264 -11.72 -28.72 -20.29
C ILE A 264 -12.28 -30.12 -19.99
N SER A 265 -13.00 -30.24 -18.88
CA SER A 265 -13.63 -31.50 -18.52
C SER A 265 -14.62 -31.96 -19.60
N LEU A 266 -15.46 -31.03 -20.04
CA LEU A 266 -16.41 -31.31 -21.13
C LEU A 266 -15.66 -31.75 -22.38
N ILE A 267 -14.64 -30.98 -22.74
CA ILE A 267 -13.82 -31.27 -23.92
C ILE A 267 -13.16 -32.65 -23.79
N CYS A 268 -12.60 -32.92 -22.62
CA CYS A 268 -11.94 -34.20 -22.37
C CYS A 268 -12.91 -35.37 -22.48
N VAL A 269 -14.10 -35.21 -21.94
CA VAL A 269 -15.14 -36.22 -22.08
C VAL A 269 -15.55 -36.32 -23.54
N ALA A 270 -15.57 -35.17 -24.23
CA ALA A 270 -15.92 -35.13 -25.64
C ALA A 270 -14.85 -35.80 -26.50
N VAL A 271 -13.59 -35.66 -26.11
CA VAL A 271 -12.48 -36.34 -26.79
C VAL A 271 -12.64 -37.85 -26.63
N TRP A 272 -13.08 -38.25 -25.45
CA TRP A 272 -13.30 -39.66 -25.16
C TRP A 272 -14.45 -40.22 -26.01
N LEU A 273 -15.48 -39.40 -26.20
CA LEU A 273 -16.66 -39.83 -26.95
C LEU A 273 -16.39 -39.94 -28.45
N ILE A 274 -15.63 -38.99 -28.98
CA ILE A 274 -15.39 -38.93 -30.43
C ILE A 274 -14.43 -40.04 -30.88
N ASN A 275 -13.71 -40.62 -29.93
CA ASN A 275 -12.72 -41.65 -30.26
C ASN A 275 -13.10 -43.03 -29.74
N ILE A 276 -14.40 -43.27 -29.57
CA ILE A 276 -14.90 -44.55 -29.11
C ILE A 276 -15.01 -45.52 -30.29
N GLY A 277 -14.55 -45.07 -31.46
CA GLY A 277 -14.56 -45.89 -32.66
C GLY A 277 -13.29 -46.71 -32.80
N HIS A 278 -12.18 -46.13 -32.38
CA HIS A 278 -10.90 -46.86 -32.37
C HIS A 278 -10.80 -47.70 -31.10
N PHE A 279 -11.96 -47.98 -30.53
CA PHE A 279 -12.17 -48.95 -29.46
C PHE A 279 -11.37 -50.23 -29.66
N ASN A 280 -11.62 -50.87 -30.80
CA ASN A 280 -11.12 -52.21 -31.07
C ASN A 280 -9.94 -52.25 -32.03
N ASP A 281 -9.27 -51.11 -32.21
CA ASP A 281 -8.18 -51.00 -33.18
C ASP A 281 -6.94 -51.81 -32.77
N PRO A 282 -6.27 -52.41 -33.77
CA PRO A 282 -5.13 -53.33 -33.62
C PRO A 282 -3.99 -52.87 -32.70
N VAL A 283 -3.94 -51.58 -32.36
CA VAL A 283 -2.90 -51.08 -31.48
C VAL A 283 -2.90 -51.80 -30.14
N HIS A 284 -4.10 -52.02 -29.60
CA HIS A 284 -4.26 -52.80 -28.39
C HIS A 284 -4.96 -54.11 -28.73
N GLY A 285 -4.89 -54.49 -30.01
CA GLY A 285 -5.57 -55.68 -30.49
C GLY A 285 -7.08 -55.49 -30.48
N GLY A 286 -7.79 -56.56 -30.17
CA GLY A 286 -9.24 -56.49 -30.02
C GLY A 286 -9.59 -56.29 -28.56
N SER A 287 -10.00 -55.08 -28.21
CA SER A 287 -10.22 -54.73 -26.81
C SER A 287 -11.50 -53.93 -26.60
N TRP A 288 -12.40 -54.47 -25.78
CA TRP A 288 -13.67 -53.82 -25.52
C TRP A 288 -13.53 -52.64 -24.56
N ILE A 289 -12.67 -52.76 -23.55
CA ILE A 289 -12.53 -51.68 -22.58
C ILE A 289 -11.09 -51.15 -22.55
N ARG A 290 -10.13 -52.02 -22.88
CA ARG A 290 -8.73 -51.60 -22.91
C ARG A 290 -8.52 -50.45 -23.90
N GLY A 291 -9.27 -50.49 -25.00
CA GLY A 291 -9.22 -49.40 -25.97
C GLY A 291 -9.72 -48.10 -25.40
N ALA A 292 -10.61 -48.20 -24.41
CA ALA A 292 -11.14 -47.01 -23.74
C ALA A 292 -10.15 -46.49 -22.72
N ILE A 293 -9.44 -47.39 -22.06
CA ILE A 293 -8.43 -47.04 -21.06
C ILE A 293 -7.36 -46.14 -21.66
N TYR A 294 -6.96 -46.44 -22.89
CA TYR A 294 -5.94 -45.65 -23.58
C TYR A 294 -6.46 -44.27 -23.97
N TYR A 295 -7.72 -44.20 -24.39
CA TYR A 295 -8.29 -42.92 -24.78
C TYR A 295 -8.75 -42.14 -23.56
N PHE A 296 -8.99 -42.86 -22.46
CA PHE A 296 -9.19 -42.22 -21.17
C PHE A 296 -7.88 -41.59 -20.72
N LYS A 297 -6.77 -42.25 -21.06
CA LYS A 297 -5.44 -41.70 -20.81
C LYS A 297 -5.21 -40.46 -21.65
N ILE A 298 -5.71 -40.48 -22.90
CA ILE A 298 -5.59 -39.34 -23.79
C ILE A 298 -6.37 -38.14 -23.26
N ALA A 299 -7.60 -38.40 -22.83
CA ALA A 299 -8.46 -37.35 -22.28
C ALA A 299 -7.84 -36.72 -21.04
N VAL A 300 -7.35 -37.57 -20.15
CA VAL A 300 -6.71 -37.10 -18.92
C VAL A 300 -5.44 -36.31 -19.24
N ALA A 301 -4.64 -36.80 -20.19
CA ALA A 301 -3.40 -36.14 -20.57
C ALA A 301 -3.67 -34.82 -21.28
N LEU A 302 -4.75 -34.75 -22.04
CA LEU A 302 -5.11 -33.53 -22.75
C LEU A 302 -5.56 -32.46 -21.76
N ALA A 303 -6.15 -32.90 -20.65
CA ALA A 303 -6.54 -31.99 -19.58
C ALA A 303 -5.31 -31.31 -18.98
N VAL A 304 -4.38 -32.14 -18.51
CA VAL A 304 -3.13 -31.68 -17.91
C VAL A 304 -2.41 -30.67 -18.79
N ALA A 305 -2.45 -30.89 -20.10
CA ALA A 305 -1.84 -29.98 -21.05
C ALA A 305 -2.61 -28.66 -21.13
N ALA A 306 -3.93 -28.77 -21.28
CA ALA A 306 -4.78 -27.59 -21.46
C ALA A 306 -4.92 -26.77 -20.18
N ILE A 307 -4.94 -27.44 -19.04
CA ILE A 307 -5.11 -26.78 -17.75
C ILE A 307 -3.95 -25.85 -17.42
N PRO A 308 -4.25 -24.57 -17.16
CA PRO A 308 -3.26 -23.57 -16.75
C PRO A 308 -2.74 -23.82 -15.33
N GLU A 309 -1.98 -24.88 -15.15
CA GLU A 309 -1.49 -25.26 -13.82
C GLU A 309 -0.56 -24.22 -13.21
N GLY A 310 0.03 -23.39 -14.04
CA GLY A 310 0.95 -22.36 -13.57
C GLY A 310 0.24 -21.12 -13.08
N LEU A 311 -1.06 -21.02 -13.39
CA LEU A 311 -1.86 -19.86 -13.01
C LEU A 311 -1.90 -19.59 -11.50
N PRO A 312 -2.11 -20.62 -10.65
CA PRO A 312 -2.12 -20.32 -9.21
C PRO A 312 -0.80 -19.72 -8.70
N ALA A 313 0.31 -20.17 -9.26
CA ALA A 313 1.63 -19.75 -8.80
C ALA A 313 2.01 -18.37 -9.33
N VAL A 314 1.56 -18.06 -10.55
CA VAL A 314 1.97 -16.83 -11.21
C VAL A 314 1.27 -15.59 -10.61
N ILE A 315 0.11 -15.80 -9.99
CA ILE A 315 -0.56 -14.70 -9.28
C ILE A 315 0.25 -14.35 -8.05
N THR A 316 0.54 -15.38 -7.25
CA THR A 316 1.31 -15.22 -6.01
C THR A 316 2.70 -14.68 -6.29
N THR A 317 3.25 -15.02 -7.45
CA THR A 317 4.57 -14.54 -7.84
C THR A 317 4.53 -13.06 -8.21
N CYS A 318 3.59 -12.70 -9.09
CA CYS A 318 3.42 -11.31 -9.52
C CYS A 318 3.16 -10.38 -8.34
N LEU A 319 2.38 -10.87 -7.38
CA LEU A 319 2.07 -10.11 -6.18
C LEU A 319 3.32 -9.94 -5.30
N ALA A 320 3.99 -11.04 -5.01
CA ALA A 320 5.20 -11.01 -4.20
C ALA A 320 6.31 -10.22 -4.87
N LEU A 321 6.31 -10.24 -6.21
CA LEU A 321 7.30 -9.49 -6.98
C LEU A 321 7.03 -8.00 -6.88
N GLY A 322 5.75 -7.62 -6.96
CA GLY A 322 5.36 -6.23 -6.83
C GLY A 322 5.67 -5.68 -5.45
N THR A 323 5.41 -6.49 -4.43
CA THR A 323 5.69 -6.11 -3.05
C THR A 323 7.19 -5.85 -2.84
N ARG A 324 8.02 -6.76 -3.36
CA ARG A 324 9.46 -6.64 -3.22
C ARG A 324 9.99 -5.39 -3.93
N ARG A 325 9.40 -5.08 -5.08
CA ARG A 325 9.74 -3.86 -5.80
C ARG A 325 9.34 -2.63 -5.00
N MET A 326 8.17 -2.70 -4.37
CA MET A 326 7.70 -1.63 -3.50
C MET A 326 8.58 -1.51 -2.26
N ALA A 327 9.03 -2.65 -1.75
CA ALA A 327 9.88 -2.69 -0.57
C ALA A 327 11.20 -1.98 -0.81
N LYS A 328 11.69 -2.07 -2.05
CA LYS A 328 12.92 -1.39 -2.43
C LYS A 328 12.73 0.13 -2.41
N LYS A 329 11.50 0.56 -2.65
CA LYS A 329 11.19 1.99 -2.65
C LYS A 329 10.62 2.42 -1.30
N ASN A 330 10.93 1.65 -0.27
CA ASN A 330 10.56 1.96 1.11
C ASN A 330 9.07 2.14 1.34
N ALA A 331 8.27 1.30 0.69
CA ALA A 331 6.82 1.32 0.89
C ALA A 331 6.37 0.03 1.57
N ILE A 332 5.69 0.18 2.72
CA ILE A 332 5.25 -0.97 3.49
C ILE A 332 3.82 -1.36 3.16
N VAL A 333 3.64 -2.59 2.69
CA VAL A 333 2.31 -3.09 2.36
C VAL A 333 1.71 -3.86 3.54
N ARG A 334 0.68 -3.29 4.15
CA ARG A 334 0.03 -3.91 5.31
C ARG A 334 -1.16 -4.76 4.87
N SER A 335 -1.65 -4.51 3.66
CA SER A 335 -2.76 -5.27 3.10
C SER A 335 -2.46 -5.66 1.66
N LEU A 336 -2.46 -6.96 1.38
CA LEU A 336 -2.07 -7.49 0.09
C LEU A 336 -2.78 -6.89 -1.14
N PRO A 337 -4.11 -6.70 -1.08
CA PRO A 337 -4.75 -6.17 -2.30
C PRO A 337 -4.51 -4.68 -2.57
N SER A 338 -3.60 -4.05 -1.83
CA SER A 338 -3.37 -2.62 -1.95
C SER A 338 -2.75 -2.22 -3.28
N VAL A 339 -1.90 -3.09 -3.82
CA VAL A 339 -1.16 -2.77 -5.04
C VAL A 339 -2.03 -2.93 -6.30
N GLU A 340 -2.85 -3.97 -6.33
CA GLU A 340 -3.69 -4.24 -7.48
C GLU A 340 -4.83 -3.21 -7.59
N THR A 341 -5.34 -2.78 -6.43
CA THR A 341 -6.42 -1.82 -6.40
C THR A 341 -5.92 -0.43 -6.78
N LEU A 342 -4.70 -0.12 -6.35
CA LEU A 342 -4.09 1.16 -6.64
C LEU A 342 -3.80 1.30 -8.13
N GLY A 343 -3.63 0.15 -8.80
CA GLY A 343 -3.39 0.13 -10.23
C GLY A 343 -4.59 0.62 -11.01
N CYS A 344 -5.78 0.36 -10.49
CA CYS A 344 -7.01 0.79 -11.16
C CYS A 344 -7.67 1.94 -10.41
N THR A 345 -6.85 2.81 -9.82
CA THR A 345 -7.35 3.97 -9.10
C THR A 345 -7.53 5.16 -10.03
N SER A 346 -8.69 5.82 -9.93
CA SER A 346 -9.00 6.96 -10.79
C SER A 346 -8.86 8.29 -10.05
N VAL A 347 -9.02 8.26 -8.73
CA VAL A 347 -8.94 9.47 -7.92
C VAL A 347 -8.09 9.27 -6.67
N ILE A 348 -7.08 10.13 -6.51
CA ILE A 348 -6.24 10.09 -5.32
C ILE A 348 -6.50 11.29 -4.42
N CYS A 349 -7.17 11.05 -3.29
CA CYS A 349 -7.34 12.08 -2.28
C CYS A 349 -6.09 12.18 -1.44
N SER A 350 -5.69 13.41 -1.11
CA SER A 350 -4.44 13.61 -0.37
C SER A 350 -4.54 14.77 0.63
N ASP A 351 -4.13 14.50 1.86
CA ASP A 351 -4.03 15.53 2.88
C ASP A 351 -2.95 16.53 2.49
N LYS A 352 -3.08 17.77 2.96
CA LYS A 352 -2.11 18.80 2.64
C LYS A 352 -0.97 18.84 3.65
N THR A 353 -1.30 19.23 4.89
CA THR A 353 -0.30 19.40 5.94
C THR A 353 0.31 18.06 6.37
N GLY A 354 1.62 17.94 6.21
CA GLY A 354 2.33 16.75 6.61
C GLY A 354 2.38 15.67 5.56
N THR A 355 1.47 15.75 4.59
CA THR A 355 1.42 14.77 3.52
C THR A 355 1.95 15.38 2.22
N LEU A 356 1.27 16.42 1.73
CA LEU A 356 1.73 17.14 0.55
C LEU A 356 2.85 18.11 0.93
N THR A 357 2.94 18.41 2.22
CA THR A 357 3.96 19.33 2.73
C THR A 357 4.94 18.59 3.63
N THR A 358 6.16 19.13 3.74
CA THR A 358 7.22 18.49 4.50
C THR A 358 6.98 18.47 6.00
N ASN A 359 6.03 19.30 6.44
CA ASN A 359 5.69 19.43 7.86
C ASN A 359 6.88 19.87 8.72
N GLN A 360 7.82 20.57 8.10
CA GLN A 360 8.92 21.19 8.82
C GLN A 360 8.60 22.66 9.04
N MET A 361 7.83 22.94 10.09
CA MET A 361 7.25 24.25 10.29
C MET A 361 8.16 25.22 11.01
N SER A 362 8.25 26.42 10.46
CA SER A 362 9.06 27.49 11.05
C SER A 362 8.39 28.83 10.80
N VAL A 363 7.93 29.46 11.87
CA VAL A 363 7.35 30.79 11.78
C VAL A 363 8.41 31.75 11.21
N CYS A 364 8.05 32.43 10.12
CA CYS A 364 8.98 33.35 9.46
C CYS A 364 8.39 34.75 9.39
N LYS A 365 7.11 34.86 9.74
CA LYS A 365 6.41 36.14 9.74
C LYS A 365 5.37 36.20 10.85
N MET A 366 5.24 37.38 11.45
CA MET A 366 4.25 37.61 12.49
C MET A 366 4.01 39.10 12.68
N PHE A 367 2.81 39.48 13.07
CA PHE A 367 2.51 40.88 13.33
C PHE A 367 1.64 41.10 14.56
N ILE A 368 1.72 42.30 15.10
CA ILE A 368 0.82 42.75 16.15
C ILE A 368 0.26 44.11 15.75
N ILE A 369 -0.69 44.61 16.53
CA ILE A 369 -1.29 45.92 16.24
C ILE A 369 -0.35 47.03 16.69
N ASP A 370 -0.21 48.06 15.85
CA ASP A 370 0.68 49.17 16.15
C ASP A 370 -0.10 50.42 16.57
N LYS A 371 -0.90 50.95 15.65
CA LYS A 371 -1.70 52.13 15.93
C LYS A 371 -3.15 51.96 15.49
N VAL A 372 -4.07 52.43 16.32
CA VAL A 372 -5.49 52.43 15.98
C VAL A 372 -6.07 53.82 16.17
N ASP A 373 -6.46 54.44 15.06
CA ASP A 373 -7.02 55.79 15.09
C ASP A 373 -8.15 55.94 14.08
N GLY A 374 -9.37 55.61 14.51
CA GLY A 374 -10.53 55.68 13.65
C GLY A 374 -10.51 54.59 12.59
N ASP A 375 -10.67 54.99 11.33
CA ASP A 375 -10.65 54.04 10.22
C ASP A 375 -9.24 53.58 9.90
N PHE A 376 -8.26 54.19 10.55
CA PHE A 376 -6.85 53.85 10.32
C PHE A 376 -6.36 52.76 11.26
N CYS A 377 -5.72 51.75 10.68
CA CYS A 377 -5.12 50.68 11.47
C CYS A 377 -3.76 50.30 10.88
N SER A 378 -2.73 50.35 11.71
CA SER A 378 -1.38 49.98 11.27
C SER A 378 -0.87 48.79 12.08
N LEU A 379 -0.10 47.93 11.42
CA LEU A 379 0.42 46.72 12.07
C LEU A 379 1.92 46.75 12.22
N ASN A 380 2.41 46.13 13.29
CA ASN A 380 3.85 45.94 13.48
C ASN A 380 4.27 44.55 13.00
N GLU A 381 4.67 44.45 11.74
CA GLU A 381 5.06 43.17 11.17
C GLU A 381 6.49 42.81 11.53
N PHE A 382 6.76 41.51 11.66
CA PHE A 382 8.09 41.02 11.97
C PHE A 382 8.44 39.81 11.11
N SER A 383 9.73 39.64 10.86
CA SER A 383 10.22 38.48 10.12
C SER A 383 11.12 37.63 11.01
N ILE A 384 11.03 36.31 10.85
CA ILE A 384 11.81 35.40 11.67
C ILE A 384 12.72 34.51 10.81
N THR A 385 14.01 34.52 11.10
CA THR A 385 14.96 33.69 10.38
C THR A 385 15.01 32.29 10.97
N GLY A 386 15.43 31.32 10.16
CA GLY A 386 15.49 29.93 10.61
C GLY A 386 14.33 29.11 10.08
N SER A 387 14.62 28.11 9.26
CA SER A 387 13.60 27.27 8.67
C SER A 387 13.43 25.96 9.43
N THR A 388 14.28 25.73 10.41
CA THR A 388 14.24 24.50 11.19
C THR A 388 13.53 24.73 12.53
N TYR A 389 13.49 23.68 13.36
CA TYR A 389 12.93 23.79 14.70
C TYR A 389 13.99 24.24 15.68
N ALA A 390 15.20 24.48 15.18
CA ALA A 390 16.31 24.92 16.02
C ALA A 390 16.04 26.32 16.57
N PRO A 391 16.37 26.52 17.85
CA PRO A 391 16.20 27.82 18.52
C PRO A 391 17.23 28.85 18.07
N GLU A 392 17.61 28.80 16.81
CA GLU A 392 18.60 29.72 16.24
C GLU A 392 17.97 30.56 15.14
N GLY A 393 17.85 31.86 15.40
CA GLY A 393 17.26 32.78 14.45
C GLY A 393 17.13 34.18 15.00
N GLU A 394 16.66 35.11 14.18
CA GLU A 394 16.49 36.49 14.58
C GLU A 394 15.09 37.00 14.28
N VAL A 395 14.64 37.97 15.07
CA VAL A 395 13.38 38.66 14.82
C VAL A 395 13.67 39.99 14.12
N LEU A 396 13.29 40.09 12.85
CA LEU A 396 13.64 41.26 12.06
C LEU A 396 12.49 42.25 11.92
N LYS A 397 12.78 43.52 12.17
CA LYS A 397 11.84 44.60 11.89
C LYS A 397 12.51 45.64 11.00
N ASN A 398 11.90 45.90 9.85
CA ASN A 398 12.48 46.77 8.82
C ASN A 398 13.89 46.31 8.46
N ASP A 399 14.05 45.00 8.31
CA ASP A 399 15.33 44.37 8.00
C ASP A 399 16.40 44.72 9.03
N LYS A 400 15.96 44.86 10.27
CA LYS A 400 16.86 45.07 11.41
C LYS A 400 16.51 44.11 12.54
N PRO A 401 17.50 43.37 13.05
CA PRO A 401 17.30 42.51 14.20
C PRO A 401 16.86 43.30 15.43
N ILE A 402 15.74 42.91 16.04
CA ILE A 402 15.22 43.62 17.20
C ILE A 402 15.07 42.69 18.40
N ARG A 403 14.98 43.27 19.59
CA ARG A 403 14.66 42.52 20.79
C ARG A 403 13.15 42.46 20.96
N SER A 404 12.59 41.26 20.90
CA SER A 404 11.14 41.08 20.96
C SER A 404 10.54 41.60 22.27
N GLY A 405 11.37 41.66 23.31
CA GLY A 405 10.93 42.16 24.61
C GLY A 405 10.64 43.65 24.58
N GLN A 406 11.16 44.34 23.57
CA GLN A 406 10.94 45.77 23.41
C GLN A 406 9.48 46.07 23.10
N PHE A 407 8.81 45.13 22.44
CA PHE A 407 7.41 45.28 22.08
C PHE A 407 6.52 44.47 23.02
N ASP A 408 5.66 45.16 23.76
CA ASP A 408 4.77 44.51 24.73
C ASP A 408 3.83 43.51 24.08
N GLY A 409 3.43 43.78 22.85
CA GLY A 409 2.55 42.89 22.11
C GLY A 409 3.20 41.56 21.81
N LEU A 410 4.51 41.58 21.57
CA LEU A 410 5.26 40.36 21.32
C LEU A 410 5.47 39.56 22.59
N VAL A 411 5.55 40.25 23.72
CA VAL A 411 5.70 39.61 25.02
C VAL A 411 4.52 38.69 25.31
N GLU A 412 3.31 39.21 25.10
CA GLU A 412 2.10 38.43 25.29
C GLU A 412 1.96 37.39 24.19
N LEU A 413 2.39 37.74 22.98
CA LEU A 413 2.37 36.82 21.85
C LEU A 413 3.21 35.59 22.16
N ALA A 414 4.41 35.82 22.68
CA ALA A 414 5.31 34.73 23.06
C ALA A 414 4.74 33.95 24.24
N THR A 415 4.04 34.65 25.13
CA THR A 415 3.41 34.03 26.28
C THR A 415 2.35 33.02 25.85
N ILE A 416 1.51 33.43 24.91
CA ILE A 416 0.46 32.55 24.37
C ILE A 416 1.08 31.35 23.67
N CYS A 417 2.07 31.60 22.83
CA CYS A 417 2.73 30.53 22.08
C CYS A 417 3.39 29.50 23.01
N ALA A 418 3.84 29.97 24.17
CA ALA A 418 4.53 29.10 25.11
C ALA A 418 3.56 28.33 26.00
N LEU A 419 2.54 29.03 26.51
CA LEU A 419 1.59 28.41 27.42
C LEU A 419 0.53 27.60 26.67
N CYS A 420 -0.14 28.23 25.71
CA CYS A 420 -1.10 27.51 24.88
C CYS A 420 -0.36 26.61 23.90
N ASN A 421 0.28 25.57 24.44
CA ASN A 421 1.13 24.69 23.66
C ASN A 421 1.31 23.34 24.34
N ASP A 422 0.98 22.27 23.62
CA ASP A 422 1.13 20.92 24.15
C ASP A 422 2.35 20.23 23.56
N SER A 423 3.24 21.01 22.95
CA SER A 423 4.45 20.46 22.34
C SER A 423 5.70 21.09 22.92
N SER A 424 6.85 20.54 22.56
CA SER A 424 8.13 21.03 23.05
C SER A 424 9.27 20.66 22.11
N LEU A 425 10.49 21.02 22.49
CA LEU A 425 11.67 20.71 21.70
C LEU A 425 12.59 19.74 22.42
N ASP A 426 13.16 18.81 21.67
CA ASP A 426 14.15 17.88 22.22
C ASP A 426 15.34 17.76 21.27
N PHE A 427 16.53 18.05 21.79
CA PHE A 427 17.75 17.96 20.99
C PHE A 427 18.19 16.51 20.91
N ASN A 428 18.25 15.97 19.69
CA ASN A 428 18.75 14.63 19.46
C ASN A 428 20.26 14.66 19.21
N GLU A 429 21.04 14.10 20.14
CA GLU A 429 22.50 14.15 20.03
C GLU A 429 23.04 13.41 18.81
N THR A 430 22.40 12.30 18.45
CA THR A 430 22.79 11.51 17.28
C THR A 430 22.74 12.36 16.02
N LYS A 431 23.93 12.71 15.52
CA LYS A 431 24.07 13.64 14.40
C LYS A 431 23.41 15.00 14.75
N GLY A 432 23.36 15.31 16.04
CA GLY A 432 22.91 16.60 16.55
C GLY A 432 21.85 17.38 15.77
N VAL A 433 20.59 17.09 16.03
CA VAL A 433 19.51 17.85 15.39
C VAL A 433 18.33 18.06 16.34
N TYR A 434 17.82 19.30 16.38
CA TYR A 434 16.65 19.61 17.18
C TYR A 434 15.40 18.98 16.59
N GLU A 435 14.80 18.06 17.34
CA GLU A 435 13.60 17.37 16.88
C GLU A 435 12.36 17.86 17.61
N LYS A 436 11.22 17.79 16.93
CA LYS A 436 9.95 18.20 17.51
C LYS A 436 9.36 17.10 18.36
N VAL A 437 8.69 17.51 19.44
CA VAL A 437 7.94 16.57 20.27
C VAL A 437 6.47 16.92 20.23
N GLY A 438 5.72 16.21 19.40
CA GLY A 438 4.31 16.52 19.20
C GLY A 438 4.05 17.03 17.81
N GLU A 439 3.04 17.91 17.68
CA GLU A 439 2.67 18.45 16.38
C GLU A 439 3.64 19.53 15.91
N ALA A 440 3.92 19.52 14.60
CA ALA A 440 4.86 20.46 13.99
C ALA A 440 4.39 21.90 14.13
N THR A 441 3.08 22.10 14.08
CA THR A 441 2.50 23.44 14.18
C THR A 441 2.82 24.09 15.51
N GLU A 442 2.66 23.32 16.59
CA GLU A 442 2.92 23.85 17.94
C GLU A 442 4.40 24.01 18.22
N THR A 443 5.22 23.12 17.66
CA THR A 443 6.66 23.17 17.87
C THR A 443 7.26 24.40 17.19
N ALA A 444 6.68 24.78 16.06
CA ALA A 444 7.11 25.98 15.34
C ALA A 444 6.89 27.22 16.19
N LEU A 445 5.97 27.12 17.14
CA LEU A 445 5.74 28.19 18.12
C LEU A 445 6.73 28.07 19.26
N THR A 446 7.08 26.85 19.62
CA THR A 446 8.05 26.59 20.69
C THR A 446 9.41 27.17 20.31
N THR A 447 9.87 26.88 19.10
CA THR A 447 11.14 27.41 18.62
C THR A 447 11.06 28.91 18.40
N LEU A 448 9.85 29.43 18.21
CA LEU A 448 9.64 30.86 18.08
C LEU A 448 9.94 31.57 19.40
N VAL A 449 9.33 31.05 20.46
CA VAL A 449 9.52 31.60 21.81
C VAL A 449 10.99 31.63 22.18
N GLU A 450 11.72 30.58 21.80
CA GLU A 450 13.15 30.51 22.06
C GLU A 450 13.90 31.58 21.29
N LYS A 451 13.51 31.81 20.04
CA LYS A 451 14.13 32.83 19.21
C LYS A 451 13.80 34.23 19.69
N MET A 452 12.57 34.42 20.18
CA MET A 452 12.13 35.73 20.63
C MET A 452 12.82 36.15 21.92
N ASN A 453 12.87 35.25 22.89
CA ASN A 453 13.54 35.50 24.17
C ASN A 453 13.09 36.82 24.79
N VAL A 454 11.80 36.96 25.02
CA VAL A 454 11.19 38.23 25.38
C VAL A 454 11.63 38.77 26.74
N PHE A 455 12.21 37.92 27.58
CA PHE A 455 12.64 38.36 28.90
C PHE A 455 14.16 38.46 29.01
N ASN A 456 14.81 38.48 27.85
CA ASN A 456 16.27 38.64 27.76
C ASN A 456 17.03 37.64 28.64
N THR A 457 16.49 36.43 28.73
CA THR A 457 17.10 35.38 29.54
C THR A 457 18.47 35.00 28.99
N GLU A 458 19.46 34.91 29.89
CA GLU A 458 20.81 34.51 29.51
C GLU A 458 20.82 33.07 29.01
N VAL A 459 21.01 32.91 27.71
CA VAL A 459 20.95 31.58 27.10
C VAL A 459 22.24 31.21 26.37
N ARG A 460 23.21 32.11 26.35
CA ARG A 460 24.47 31.88 25.67
C ARG A 460 25.24 30.72 26.29
N ASN A 461 25.18 30.62 27.62
CA ASN A 461 25.96 29.64 28.36
C ASN A 461 25.18 28.35 28.62
N LEU A 462 24.26 28.00 27.74
CA LEU A 462 23.48 26.78 27.88
C LEU A 462 23.85 25.76 26.81
N SER A 463 23.77 24.48 27.18
CA SER A 463 23.99 23.40 26.23
C SER A 463 22.85 23.35 25.23
N LYS A 464 23.05 22.64 24.12
CA LYS A 464 22.03 22.55 23.08
C LYS A 464 20.79 21.81 23.56
N VAL A 465 20.94 21.06 24.66
CA VAL A 465 19.82 20.37 25.28
C VAL A 465 18.93 21.34 26.05
N GLU A 466 19.55 22.14 26.92
CA GLU A 466 18.84 23.12 27.73
C GLU A 466 18.22 24.21 26.86
N ARG A 467 18.94 24.58 25.80
CA ARG A 467 18.53 25.68 24.92
C ARG A 467 17.22 25.40 24.19
N ALA A 468 16.89 24.11 24.04
CA ALA A 468 15.70 23.70 23.30
C ALA A 468 14.41 24.27 23.90
N ASN A 469 14.38 24.42 25.22
CA ASN A 469 13.19 24.91 25.91
C ASN A 469 13.53 25.95 26.98
N ALA A 470 14.62 26.68 26.77
CA ALA A 470 15.11 27.65 27.75
C ALA A 470 14.14 28.80 27.97
N CYS A 471 13.75 29.46 26.90
CA CYS A 471 12.87 30.63 26.98
C CYS A 471 11.44 30.21 27.31
N ASN A 472 11.05 29.00 26.92
CA ASN A 472 9.72 28.49 27.20
C ASN A 472 9.53 28.18 28.68
N SER A 473 10.56 27.62 29.31
CA SER A 473 10.51 27.28 30.72
C SER A 473 10.37 28.52 31.60
N VAL A 474 11.01 29.62 31.15
CA VAL A 474 10.93 30.88 31.85
C VAL A 474 9.49 31.38 31.91
N ILE A 475 8.80 31.29 30.79
CA ILE A 475 7.41 31.74 30.70
C ILE A 475 6.48 30.88 31.55
N ARG A 476 6.72 29.57 31.56
CA ARG A 476 5.91 28.65 32.36
C ARG A 476 6.09 28.89 33.85
N GLN A 477 7.24 29.47 34.22
CA GLN A 477 7.51 29.80 35.62
C GLN A 477 6.83 31.09 36.04
N LEU A 478 6.09 31.70 35.11
CA LEU A 478 5.45 32.98 35.37
C LEU A 478 3.93 32.85 35.43
N MET A 479 3.41 31.79 34.81
CA MET A 479 1.97 31.52 34.83
C MET A 479 1.72 30.03 35.02
N LYS A 480 0.97 29.68 36.06
CA LYS A 480 0.62 28.28 36.30
C LYS A 480 -0.56 27.87 35.43
N LYS A 481 -0.34 26.89 34.57
CA LYS A 481 -1.39 26.39 33.69
C LYS A 481 -2.37 25.51 34.47
N GLU A 482 -3.51 26.08 34.82
CA GLU A 482 -4.53 25.35 35.56
C GLU A 482 -5.03 24.14 34.78
N PHE A 483 -5.56 24.39 33.58
CA PHE A 483 -6.02 23.33 32.70
C PHE A 483 -6.00 23.78 31.25
N THR A 484 -6.26 22.86 30.34
CA THR A 484 -6.23 23.16 28.92
C THR A 484 -7.49 22.68 28.21
N LEU A 485 -8.11 23.58 27.46
CA LEU A 485 -9.22 23.21 26.58
C LEU A 485 -8.64 22.77 25.25
N GLU A 486 -8.63 21.45 25.02
CA GLU A 486 -7.92 20.85 23.90
C GLU A 486 -8.35 21.42 22.55
N PHE A 487 -7.44 21.35 21.59
CA PHE A 487 -7.74 21.75 20.23
C PHE A 487 -8.83 20.88 19.64
N SER A 488 -9.87 21.52 19.12
CA SER A 488 -11.00 20.81 18.52
C SER A 488 -11.25 21.33 17.11
N ARG A 489 -11.38 20.40 16.15
CA ARG A 489 -11.44 20.77 14.75
C ARG A 489 -12.81 21.31 14.33
N ASP A 490 -13.74 21.40 15.28
CA ASP A 490 -15.03 22.02 15.02
C ASP A 490 -14.96 23.52 15.29
N ARG A 491 -14.24 23.89 16.36
CA ARG A 491 -14.05 25.29 16.70
C ARG A 491 -12.71 25.78 16.18
N LYS A 492 -11.83 24.83 15.85
CA LYS A 492 -10.53 25.11 15.23
C LYS A 492 -9.69 26.11 16.04
N SER A 493 -9.66 25.91 17.35
CA SER A 493 -8.84 26.74 18.24
C SER A 493 -8.52 26.00 19.53
N MET A 494 -7.61 26.57 20.32
CA MET A 494 -7.16 25.94 21.56
C MET A 494 -6.86 27.01 22.61
N SER A 495 -7.23 26.74 23.85
CA SER A 495 -7.00 27.71 24.93
C SER A 495 -6.42 27.05 26.18
N VAL A 496 -5.77 27.87 27.01
CA VAL A 496 -5.28 27.42 28.30
C VAL A 496 -5.68 28.43 29.39
N TYR A 497 -6.16 27.90 30.52
CA TYR A 497 -6.53 28.74 31.64
C TYR A 497 -5.35 28.88 32.59
N CYS A 498 -4.88 30.10 32.79
CA CYS A 498 -3.67 30.32 33.57
C CYS A 498 -3.83 31.35 34.67
N SER A 499 -3.11 31.13 35.77
CA SER A 499 -3.06 32.05 36.89
C SER A 499 -1.60 32.44 37.14
N PRO A 500 -1.36 33.63 37.72
CA PRO A 500 0.01 34.05 38.04
C PRO A 500 0.72 33.04 38.95
N ALA A 501 1.92 32.64 38.55
CA ALA A 501 2.65 31.57 39.23
C ALA A 501 2.94 31.89 40.69
N LYS A 502 3.20 33.16 40.98
CA LYS A 502 3.50 33.60 42.34
C LYS A 502 2.34 33.28 43.28
N SER A 503 1.14 33.70 42.87
CA SER A 503 -0.10 33.43 43.63
C SER A 503 -0.06 34.01 45.05
N SER A 504 0.96 34.81 45.33
CA SER A 504 1.09 35.46 46.62
C SER A 504 1.17 36.96 46.43
N ARG A 505 2.07 37.38 45.54
CA ARG A 505 2.21 38.79 45.18
C ARG A 505 1.12 39.19 44.20
N ALA A 506 0.79 38.29 43.28
CA ALA A 506 -0.15 38.59 42.21
C ALA A 506 -1.38 37.68 42.24
N ALA A 507 -2.55 38.30 42.26
CA ALA A 507 -3.82 37.60 42.13
C ALA A 507 -4.77 38.50 41.36
N VAL A 508 -4.19 39.47 40.66
CA VAL A 508 -4.94 40.51 39.97
C VAL A 508 -5.81 39.96 38.84
N GLY A 509 -5.29 38.99 38.10
CA GLY A 509 -6.02 38.47 36.96
C GLY A 509 -5.69 37.06 36.50
N ASN A 510 -6.74 36.27 36.29
CA ASN A 510 -6.62 35.01 35.58
C ASN A 510 -6.84 35.26 34.10
N LYS A 511 -6.14 34.54 33.24
CA LYS A 511 -6.24 34.76 31.81
C LYS A 511 -6.45 33.47 31.03
N MET A 512 -7.08 33.58 29.87
CA MET A 512 -7.20 32.47 28.94
C MET A 512 -6.43 32.78 27.66
N PHE A 513 -5.40 31.99 27.39
CA PHE A 513 -4.56 32.22 26.22
C PHE A 513 -5.00 31.34 25.05
N VAL A 514 -5.48 31.98 24.00
CA VAL A 514 -6.11 31.27 22.89
C VAL A 514 -5.30 31.38 21.59
N LYS A 515 -5.15 30.25 20.91
CA LYS A 515 -4.60 30.23 19.56
C LYS A 515 -5.45 29.30 18.70
N GLY A 516 -5.53 29.61 17.41
CA GLY A 516 -6.33 28.80 16.49
C GLY A 516 -6.43 29.38 15.10
N ALA A 517 -7.38 28.86 14.32
CA ALA A 517 -7.63 29.36 12.97
C ALA A 517 -8.03 30.83 13.03
N PRO A 518 -7.31 31.67 12.26
CA PRO A 518 -7.46 33.13 12.26
C PRO A 518 -8.91 33.62 12.17
N GLU A 519 -9.64 33.16 11.16
CA GLU A 519 -11.01 33.62 10.94
C GLU A 519 -11.89 33.39 12.16
N GLY A 520 -11.81 32.19 12.73
CA GLY A 520 -12.60 31.84 13.89
C GLY A 520 -12.25 32.64 15.13
N VAL A 521 -10.95 32.73 15.43
CA VAL A 521 -10.48 33.44 16.61
C VAL A 521 -10.81 34.92 16.56
N ILE A 522 -10.54 35.55 15.42
CA ILE A 522 -10.77 36.98 15.24
C ILE A 522 -12.24 37.34 15.41
N ASP A 523 -13.13 36.49 14.93
CA ASP A 523 -14.57 36.71 15.06
C ASP A 523 -15.00 36.74 16.53
N ARG A 524 -14.33 35.95 17.36
CA ARG A 524 -14.67 35.89 18.77
C ARG A 524 -13.86 36.90 19.59
N CYS A 525 -13.26 37.86 18.89
CA CYS A 525 -12.55 38.95 19.56
C CYS A 525 -13.38 40.21 19.56
N ASN A 526 -13.60 40.78 20.74
CA ASN A 526 -14.32 42.03 20.86
C ASN A 526 -13.36 43.18 21.20
N TYR A 527 -12.14 42.81 21.56
CA TYR A 527 -11.12 43.79 21.89
C TYR A 527 -9.83 43.53 21.13
N VAL A 528 -9.03 44.57 20.96
CA VAL A 528 -7.75 44.47 20.30
C VAL A 528 -6.65 45.06 21.18
N ARG A 529 -5.60 44.28 21.42
CA ARG A 529 -4.51 44.73 22.28
C ARG A 529 -3.48 45.53 21.52
N VAL A 530 -3.19 46.74 22.01
CA VAL A 530 -2.14 47.56 21.46
C VAL A 530 -1.06 47.78 22.51
N GLY A 531 -0.08 46.87 22.54
CA GLY A 531 0.94 46.89 23.57
C GLY A 531 0.38 46.36 24.89
N THR A 532 0.21 47.26 25.85
CA THR A 532 -0.42 46.90 27.12
C THR A 532 -1.82 47.50 27.17
N THR A 533 -2.24 48.11 26.07
CA THR A 533 -3.52 48.78 25.98
C THR A 533 -4.54 47.90 25.24
N ARG A 534 -5.83 48.16 25.46
CA ARG A 534 -6.90 47.34 24.93
C ARG A 534 -8.02 48.21 24.35
N VAL A 535 -8.31 48.02 23.06
CA VAL A 535 -9.32 48.82 22.37
C VAL A 535 -10.37 47.93 21.72
N PRO A 536 -11.61 48.45 21.56
CA PRO A 536 -12.71 47.67 20.98
C PRO A 536 -12.45 47.23 19.54
N MET A 537 -12.83 46.01 19.21
CA MET A 537 -12.73 45.50 17.84
C MET A 537 -13.71 46.24 16.93
N THR A 538 -13.20 46.76 15.82
CA THR A 538 -14.04 47.47 14.87
C THR A 538 -13.89 46.88 13.47
N GLY A 539 -14.64 47.44 12.53
CA GLY A 539 -14.55 47.06 11.12
C GLY A 539 -13.16 47.22 10.53
N PRO A 540 -12.67 48.47 10.46
CA PRO A 540 -11.33 48.78 9.92
C PRO A 540 -10.21 47.91 10.49
N VAL A 541 -10.21 47.73 11.81
CA VAL A 541 -9.20 46.92 12.47
C VAL A 541 -9.29 45.46 12.01
N LYS A 542 -10.51 44.97 11.91
CA LYS A 542 -10.76 43.59 11.48
C LYS A 542 -10.33 43.38 10.02
N GLU A 543 -10.70 44.34 9.18
CA GLU A 543 -10.34 44.28 7.75
C GLU A 543 -8.84 44.31 7.55
N LYS A 544 -8.15 45.12 8.36
CA LYS A 544 -6.70 45.28 8.25
C LYS A 544 -5.98 43.98 8.62
N ILE A 545 -6.39 43.37 9.72
CA ILE A 545 -5.79 42.12 10.18
C ILE A 545 -6.01 41.00 9.17
N LEU A 546 -7.24 40.87 8.69
CA LEU A 546 -7.59 39.79 7.77
C LEU A 546 -6.91 39.91 6.42
N SER A 547 -6.79 41.14 5.91
CA SER A 547 -6.20 41.38 4.60
C SER A 547 -4.73 40.98 4.55
N VAL A 548 -4.02 41.22 5.64
CA VAL A 548 -2.62 40.86 5.75
C VAL A 548 -2.47 39.35 5.85
N ILE A 549 -3.39 38.72 6.57
CA ILE A 549 -3.46 37.26 6.63
C ILE A 549 -3.68 36.68 5.24
N LYS A 550 -4.56 37.31 4.47
CA LYS A 550 -4.84 36.90 3.10
C LYS A 550 -3.61 37.08 2.21
N GLU A 551 -2.82 38.10 2.50
CA GLU A 551 -1.60 38.37 1.74
C GLU A 551 -0.57 37.26 1.93
N TRP A 552 -0.33 36.88 3.18
CA TRP A 552 0.69 35.89 3.51
C TRP A 552 0.36 34.52 2.93
N GLY A 553 -0.90 34.10 3.08
CA GLY A 553 -1.32 32.79 2.63
C GLY A 553 -1.38 32.65 1.12
N THR A 554 -1.55 33.76 0.42
CA THR A 554 -1.65 33.74 -1.03
C THR A 554 -0.30 34.08 -1.67
N GLY A 555 0.60 34.64 -0.86
CA GLY A 555 1.92 35.04 -1.33
C GLY A 555 2.76 33.90 -1.86
N ARG A 556 3.96 34.22 -2.32
CA ARG A 556 4.85 33.23 -2.92
C ARG A 556 5.35 32.21 -1.91
N ASP A 557 5.33 32.58 -0.63
CA ASP A 557 5.74 31.66 0.43
C ASP A 557 4.59 30.78 0.88
N THR A 558 3.36 31.27 0.68
CA THR A 558 2.15 30.60 1.11
C THR A 558 2.24 30.20 2.58
N LEU A 559 2.00 31.17 3.46
CA LEU A 559 2.20 30.95 4.89
C LEU A 559 0.97 30.39 5.58
N ARG A 560 1.17 29.29 6.29
CA ARG A 560 0.16 28.79 7.22
C ARG A 560 0.05 29.76 8.37
N CYS A 561 -1.16 30.24 8.63
CA CYS A 561 -1.35 31.30 9.62
C CYS A 561 -2.15 30.86 10.84
N LEU A 562 -1.80 31.43 11.99
CA LEU A 562 -2.53 31.21 13.23
C LEU A 562 -2.78 32.54 13.93
N ALA A 563 -3.96 32.69 14.52
CA ALA A 563 -4.25 33.88 15.31
C ALA A 563 -4.05 33.58 16.79
N LEU A 564 -3.50 34.55 17.50
CA LEU A 564 -3.25 34.42 18.93
C LEU A 564 -4.05 35.46 19.70
N ALA A 565 -4.86 35.01 20.65
CA ALA A 565 -5.71 35.93 21.41
C ALA A 565 -5.70 35.61 22.90
N THR A 566 -6.24 36.54 23.69
CA THR A 566 -6.29 36.39 25.14
C THR A 566 -7.63 36.85 25.68
N ARG A 567 -8.23 36.04 26.56
CA ARG A 567 -9.43 36.47 27.26
C ARG A 567 -9.03 37.20 28.54
N ASP A 568 -9.13 38.52 28.50
CA ASP A 568 -8.74 39.36 29.63
C ASP A 568 -9.54 39.05 30.89
N THR A 569 -10.83 38.77 30.70
CA THR A 569 -11.70 38.43 31.82
C THR A 569 -12.44 37.13 31.55
N PRO A 570 -11.81 36.00 31.90
CA PRO A 570 -12.40 34.67 31.73
C PRO A 570 -13.40 34.35 32.83
N PRO A 571 -14.35 33.45 32.56
CA PRO A 571 -15.31 33.03 33.59
C PRO A 571 -14.60 32.35 34.75
N LYS A 572 -15.17 32.44 35.95
CA LYS A 572 -14.62 31.72 37.09
C LYS A 572 -14.73 30.22 36.82
N ARG A 573 -13.79 29.46 37.39
CA ARG A 573 -13.69 28.02 37.12
C ARG A 573 -14.99 27.27 37.42
N GLU A 574 -15.72 27.76 38.43
CA GLU A 574 -16.96 27.12 38.85
C GLU A 574 -18.03 27.22 37.76
N GLU A 575 -17.97 28.29 36.98
CA GLU A 575 -18.93 28.50 35.89
C GLU A 575 -18.55 27.72 34.64
N MET A 576 -17.44 27.00 34.71
CA MET A 576 -16.95 26.25 33.56
C MET A 576 -17.07 24.74 33.75
N VAL A 577 -17.77 24.09 32.83
CA VAL A 577 -17.91 22.64 32.85
C VAL A 577 -16.97 22.01 31.83
N LEU A 578 -16.02 21.22 32.31
CA LEU A 578 -15.01 20.62 31.44
C LEU A 578 -15.47 19.32 30.81
N ASP A 579 -16.73 18.96 31.06
CA ASP A 579 -17.26 17.69 30.57
C ASP A 579 -17.52 17.71 29.06
N ASP A 580 -18.30 18.68 28.60
CA ASP A 580 -18.66 18.75 27.19
C ASP A 580 -17.71 19.67 26.42
N SER A 581 -17.21 19.17 25.29
CA SER A 581 -16.27 19.92 24.47
C SER A 581 -16.96 20.97 23.61
N SER A 582 -18.28 20.85 23.50
CA SER A 582 -19.06 21.74 22.64
C SER A 582 -19.22 23.13 23.24
N ARG A 583 -19.01 23.24 24.55
CA ARG A 583 -19.18 24.52 25.25
C ARG A 583 -17.84 25.23 25.41
N PHE A 584 -16.79 24.68 24.81
CA PHE A 584 -15.47 25.27 24.91
C PHE A 584 -15.37 26.56 24.09
N MET A 585 -16.13 26.62 23.00
CA MET A 585 -16.15 27.81 22.15
C MET A 585 -16.77 28.99 22.89
N GLU A 586 -17.76 28.69 23.73
CA GLU A 586 -18.40 29.71 24.55
C GLU A 586 -17.39 30.31 25.52
N TYR A 587 -16.54 29.46 26.08
CA TYR A 587 -15.51 29.90 27.00
C TYR A 587 -14.48 30.77 26.27
N GLU A 588 -14.33 30.54 24.97
CA GLU A 588 -13.37 31.26 24.16
C GLU A 588 -14.02 32.41 23.40
N THR A 589 -14.75 33.26 24.11
CA THR A 589 -15.36 34.44 23.50
C THR A 589 -14.95 35.70 24.26
N ASP A 590 -15.35 36.85 23.72
CA ASP A 590 -14.99 38.15 24.27
C ASP A 590 -13.47 38.26 24.43
N LEU A 591 -12.75 37.75 23.43
CA LEU A 591 -11.30 37.68 23.47
C LEU A 591 -10.66 39.00 23.07
N THR A 592 -9.38 39.14 23.41
CA THR A 592 -8.61 40.30 23.00
C THR A 592 -7.54 39.88 22.00
N PHE A 593 -7.62 40.41 20.79
CA PHE A 593 -6.66 40.08 19.74
C PHE A 593 -5.26 40.53 20.10
N VAL A 594 -4.30 39.61 19.97
CA VAL A 594 -2.90 39.92 20.27
C VAL A 594 -2.09 40.03 18.99
N GLY A 595 -2.17 39.00 18.14
CA GLY A 595 -1.44 38.99 16.89
C GLY A 595 -1.70 37.77 16.03
N VAL A 596 -1.01 37.71 14.89
CA VAL A 596 -1.13 36.60 13.96
C VAL A 596 0.25 36.09 13.55
N VAL A 597 0.43 34.77 13.60
CA VAL A 597 1.70 34.17 13.23
C VAL A 597 1.61 33.57 11.82
N GLY A 598 2.75 33.53 11.13
CA GLY A 598 2.80 32.98 9.78
C GLY A 598 3.89 31.92 9.65
N MET A 599 3.50 30.72 9.23
CA MET A 599 4.42 29.60 9.18
C MET A 599 4.80 29.19 7.77
N LEU A 600 6.08 28.87 7.58
CA LEU A 600 6.54 28.29 6.33
C LEU A 600 6.40 26.78 6.38
N ASP A 601 5.80 26.21 5.35
CA ASP A 601 5.59 24.77 5.28
C ASP A 601 5.78 24.28 3.86
N PRO A 602 7.05 24.06 3.47
CA PRO A 602 7.43 23.72 2.08
C PRO A 602 6.81 22.42 1.60
N PRO A 603 6.26 22.43 0.37
CA PRO A 603 5.76 21.21 -0.28
C PRO A 603 6.89 20.23 -0.56
N ARG A 604 6.58 18.94 -0.58
CA ARG A 604 7.59 17.94 -0.89
C ARG A 604 7.97 18.02 -2.37
N LYS A 605 9.26 17.90 -2.65
CA LYS A 605 9.80 18.15 -3.98
C LYS A 605 9.20 17.30 -5.10
N GLU A 606 8.93 16.03 -4.80
CA GLU A 606 8.51 15.07 -5.81
C GLU A 606 7.01 15.12 -6.10
N VAL A 607 6.28 15.98 -5.40
CA VAL A 607 4.83 16.04 -5.54
C VAL A 607 4.39 16.57 -6.91
N MET A 608 4.95 17.70 -7.31
CA MET A 608 4.57 18.35 -8.57
C MET A 608 4.75 17.43 -9.77
N GLY A 609 5.85 16.70 -9.80
CA GLY A 609 6.11 15.75 -10.88
C GLY A 609 5.16 14.58 -10.84
N SER A 610 4.86 14.10 -9.63
CA SER A 610 3.98 12.96 -9.44
C SER A 610 2.55 13.28 -9.89
N ILE A 611 2.09 14.49 -9.60
CA ILE A 611 0.74 14.91 -9.96
C ILE A 611 0.55 14.92 -11.48
N GLN A 612 1.54 15.45 -12.20
CA GLN A 612 1.52 15.45 -13.66
C GLN A 612 1.45 14.03 -14.20
N LEU A 613 2.16 13.11 -13.55
CA LEU A 613 2.13 11.71 -13.93
C LEU A 613 0.76 11.10 -13.67
N CYS A 614 0.12 11.55 -12.60
CA CYS A 614 -1.24 11.11 -12.28
C CYS A 614 -2.22 11.66 -13.31
N ARG A 615 -2.00 12.90 -13.72
CA ARG A 615 -2.87 13.56 -14.70
C ARG A 615 -2.76 12.86 -16.05
N ASP A 616 -1.55 12.42 -16.40
CA ASP A 616 -1.31 11.71 -17.64
C ASP A 616 -1.88 10.30 -17.58
N ALA A 617 -1.85 9.70 -16.39
CA ALA A 617 -2.36 8.35 -16.20
C ALA A 617 -3.86 8.34 -15.94
N GLY A 618 -4.51 9.48 -16.17
CA GLY A 618 -5.94 9.60 -16.00
C GLY A 618 -6.39 9.54 -14.56
N ILE A 619 -5.48 9.90 -13.66
CA ILE A 619 -5.81 9.91 -12.23
C ILE A 619 -5.93 11.35 -11.71
N ARG A 620 -7.07 11.64 -11.10
CA ARG A 620 -7.35 12.98 -10.60
C ARG A 620 -6.88 13.12 -9.15
N VAL A 621 -6.37 14.30 -8.81
CA VAL A 621 -5.83 14.55 -7.47
C VAL A 621 -6.55 15.70 -6.78
N ILE A 622 -7.03 15.44 -5.58
CA ILE A 622 -7.77 16.43 -4.80
C ILE A 622 -7.10 16.71 -3.46
N MET A 623 -6.90 17.98 -3.14
CA MET A 623 -6.35 18.36 -1.83
C MET A 623 -7.47 18.54 -0.81
N ILE A 624 -7.32 17.88 0.34
CA ILE A 624 -8.28 18.00 1.42
C ILE A 624 -7.58 18.36 2.72
N THR A 625 -7.91 19.53 3.28
CA THR A 625 -7.22 20.03 4.46
C THR A 625 -8.15 20.85 5.36
N GLY A 626 -7.73 21.03 6.61
CA GLY A 626 -8.48 21.85 7.55
C GLY A 626 -7.96 23.27 7.58
N ASP A 627 -6.95 23.55 6.75
CA ASP A 627 -6.30 24.85 6.73
C ASP A 627 -7.14 25.87 5.96
N ASN A 628 -6.72 27.13 6.05
CA ASN A 628 -7.38 28.23 5.34
C ASN A 628 -7.45 27.99 3.83
N LYS A 629 -8.54 28.45 3.21
CA LYS A 629 -8.75 28.20 1.78
C LYS A 629 -7.74 28.97 0.92
N GLY A 630 -7.40 30.17 1.35
CA GLY A 630 -6.45 30.99 0.64
C GLY A 630 -5.10 30.33 0.49
N THR A 631 -4.61 29.73 1.57
CA THR A 631 -3.32 29.05 1.56
C THR A 631 -3.42 27.72 0.82
N ALA A 632 -4.55 27.05 0.98
CA ALA A 632 -4.78 25.75 0.34
C ALA A 632 -4.81 25.89 -1.17
N ILE A 633 -5.56 26.89 -1.65
CA ILE A 633 -5.61 27.19 -3.07
C ILE A 633 -4.22 27.58 -3.59
N ALA A 634 -3.51 28.36 -2.78
CA ALA A 634 -2.18 28.83 -3.15
C ALA A 634 -1.19 27.67 -3.26
N ILE A 635 -1.29 26.71 -2.34
CA ILE A 635 -0.42 25.53 -2.39
C ILE A 635 -0.78 24.66 -3.60
N CYS A 636 -2.08 24.51 -3.84
CA CYS A 636 -2.57 23.76 -5.00
C CYS A 636 -1.97 24.29 -6.30
N ARG A 637 -1.85 25.61 -6.38
CA ARG A 637 -1.23 26.26 -7.53
C ARG A 637 0.28 26.01 -7.55
N ARG A 638 0.87 25.97 -6.36
CA ARG A 638 2.31 25.77 -6.21
C ARG A 638 2.74 24.36 -6.61
N ILE A 639 1.84 23.40 -6.43
CA ILE A 639 2.19 21.99 -6.66
C ILE A 639 1.63 21.45 -7.98
N GLY A 640 0.81 22.26 -8.66
CA GLY A 640 0.35 21.90 -9.98
C GLY A 640 -1.08 21.37 -10.06
N ILE A 641 -1.73 21.23 -8.92
CA ILE A 641 -3.15 20.84 -8.89
C ILE A 641 -3.96 21.88 -9.65
N PHE A 642 -3.65 23.14 -9.40
CA PHE A 642 -4.21 24.24 -10.16
C PHE A 642 -3.11 24.96 -10.92
N GLY A 643 -3.46 25.53 -12.08
CA GLY A 643 -2.54 26.38 -12.80
C GLY A 643 -2.35 27.66 -12.01
N GLU A 644 -1.34 28.45 -12.38
CA GLU A 644 -1.00 29.64 -11.61
C GLU A 644 -2.11 30.69 -11.64
N ASN A 645 -2.94 30.64 -12.67
CA ASN A 645 -4.03 31.61 -12.80
C ASN A 645 -5.31 30.99 -13.38
N GLU A 646 -5.63 29.77 -12.98
CA GLU A 646 -6.79 29.06 -13.51
C GLU A 646 -8.11 29.73 -13.18
N GLU A 647 -8.12 30.53 -12.11
CA GLU A 647 -9.35 31.16 -11.63
C GLU A 647 -10.39 30.09 -11.35
N VAL A 648 -10.15 29.31 -10.29
CA VAL A 648 -10.99 28.16 -9.95
C VAL A 648 -12.15 28.57 -9.04
N ALA A 649 -13.14 29.26 -9.62
CA ALA A 649 -14.26 29.79 -8.85
C ALA A 649 -15.15 28.69 -8.27
N ASP A 650 -15.22 27.56 -8.95
CA ASP A 650 -16.09 26.47 -8.51
C ASP A 650 -15.34 25.15 -8.36
N ARG A 651 -14.04 25.24 -8.08
CA ARG A 651 -13.22 24.04 -7.88
C ARG A 651 -12.58 24.01 -6.49
N ALA A 652 -13.02 24.92 -5.62
CA ALA A 652 -12.49 24.98 -4.26
C ALA A 652 -13.59 25.37 -3.27
N TYR A 653 -13.72 24.59 -2.20
CA TYR A 653 -14.79 24.82 -1.23
C TYR A 653 -14.33 24.65 0.21
N THR A 654 -14.80 25.53 1.09
CA THR A 654 -14.59 25.38 2.52
C THR A 654 -15.59 24.36 3.05
N GLY A 655 -15.41 23.95 4.31
CA GLY A 655 -16.34 23.04 4.94
C GLY A 655 -17.72 23.66 5.05
N ARG A 656 -17.74 24.97 5.30
CA ARG A 656 -18.99 25.72 5.37
C ARG A 656 -19.67 25.79 4.01
N GLU A 657 -18.91 26.14 2.98
CA GLU A 657 -19.44 26.25 1.62
C GLU A 657 -19.91 24.90 1.10
N PHE A 658 -19.23 23.83 1.51
CA PHE A 658 -19.57 22.49 1.08
C PHE A 658 -20.88 22.03 1.70
N ASP A 659 -21.11 22.42 2.96
CA ASP A 659 -22.31 22.01 3.68
C ASP A 659 -23.55 22.78 3.24
N ASP A 660 -23.35 24.00 2.74
CA ASP A 660 -24.46 24.83 2.30
C ASP A 660 -25.06 24.29 1.00
N LEU A 661 -24.32 23.42 0.33
CA LEU A 661 -24.81 22.79 -0.90
C LEU A 661 -25.72 21.61 -0.57
N PRO A 662 -26.75 21.39 -1.41
CA PRO A 662 -27.60 20.20 -1.28
C PRO A 662 -26.78 18.93 -1.53
N LEU A 663 -27.32 17.78 -1.15
CA LEU A 663 -26.59 16.51 -1.28
C LEU A 663 -26.20 16.24 -2.74
N ALA A 664 -27.09 16.61 -3.66
CA ALA A 664 -26.84 16.41 -5.08
C ALA A 664 -25.70 17.29 -5.58
N GLU A 665 -25.61 18.49 -5.03
CA GLU A 665 -24.58 19.44 -5.43
C GLU A 665 -23.25 19.14 -4.74
N GLN A 666 -23.31 18.58 -3.54
CA GLN A 666 -22.11 18.15 -2.83
C GLN A 666 -21.45 17.01 -3.59
N ARG A 667 -22.27 16.05 -4.02
CA ARG A 667 -21.81 14.89 -4.76
C ARG A 667 -21.21 15.29 -6.10
N GLU A 668 -21.79 16.32 -6.71
CA GLU A 668 -21.32 16.79 -8.00
C GLU A 668 -20.09 17.69 -7.85
N ALA A 669 -19.98 18.33 -6.69
CA ALA A 669 -18.83 19.20 -6.40
C ALA A 669 -17.55 18.39 -6.28
N CYS A 670 -17.66 17.17 -5.75
CA CYS A 670 -16.52 16.29 -5.58
C CYS A 670 -15.93 15.87 -6.93
N ARG A 671 -16.73 15.99 -7.98
CA ARG A 671 -16.28 15.68 -9.33
C ARG A 671 -15.43 16.80 -9.93
N ARG A 672 -15.78 18.04 -9.61
CA ARG A 672 -15.12 19.19 -10.22
C ARG A 672 -14.06 19.81 -9.30
N ALA A 673 -14.33 19.85 -8.01
CA ALA A 673 -13.42 20.47 -7.06
C ALA A 673 -12.20 19.59 -6.81
N CYS A 674 -11.03 20.23 -6.73
CA CYS A 674 -9.78 19.53 -6.46
C CYS A 674 -9.13 20.06 -5.18
N CYS A 675 -9.84 20.95 -4.50
CA CYS A 675 -9.34 21.55 -3.27
C CYS A 675 -10.46 21.75 -2.24
N PHE A 676 -10.35 21.05 -1.12
CA PHE A 676 -11.29 21.22 -0.02
C PHE A 676 -10.54 21.68 1.23
N ALA A 677 -10.83 22.90 1.67
CA ALA A 677 -10.13 23.47 2.82
C ALA A 677 -11.09 23.72 3.99
N ARG A 678 -10.52 23.91 5.17
CA ARG A 678 -11.29 24.17 6.39
C ARG A 678 -12.35 23.11 6.64
N VAL A 679 -12.01 21.85 6.38
CA VAL A 679 -12.96 20.77 6.53
C VAL A 679 -12.63 19.89 7.74
N GLU A 680 -13.68 19.35 8.36
CA GLU A 680 -13.53 18.47 9.51
C GLU A 680 -13.23 17.05 9.08
N PRO A 681 -12.76 16.20 10.01
CA PRO A 681 -12.51 14.78 9.69
C PRO A 681 -13.70 14.07 9.04
N SER A 682 -14.91 14.46 9.40
CA SER A 682 -16.12 13.86 8.83
C SER A 682 -16.28 14.23 7.36
N HIS A 683 -15.86 15.46 7.01
CA HIS A 683 -15.94 15.91 5.63
C HIS A 683 -15.03 15.10 4.73
N LYS A 684 -13.83 14.80 5.23
CA LYS A 684 -12.85 14.03 4.47
C LYS A 684 -13.38 12.64 4.12
N SER A 685 -14.04 12.02 5.09
CA SER A 685 -14.64 10.70 4.89
C SER A 685 -15.81 10.79 3.91
N LYS A 686 -16.55 11.88 3.98
CA LYS A 686 -17.73 12.06 3.15
C LYS A 686 -17.35 12.35 1.69
N ILE A 687 -16.25 13.06 1.50
CA ILE A 687 -15.76 13.37 0.15
C ILE A 687 -15.37 12.09 -0.59
N VAL A 688 -14.59 11.25 0.08
CA VAL A 688 -14.20 9.96 -0.45
C VAL A 688 -15.44 9.11 -0.74
N GLU A 689 -16.40 9.16 0.18
CA GLU A 689 -17.65 8.43 0.05
C GLU A 689 -18.40 8.83 -1.22
N TYR A 690 -18.39 10.12 -1.53
CA TYR A 690 -19.06 10.64 -2.72
C TYR A 690 -18.39 10.17 -4.00
N LEU A 691 -17.06 10.16 -4.01
CA LEU A 691 -16.31 9.75 -5.19
C LEU A 691 -16.52 8.27 -5.49
N GLN A 692 -16.77 7.49 -4.46
CA GLN A 692 -17.00 6.05 -4.61
C GLN A 692 -18.42 5.77 -5.10
N SER A 693 -19.29 6.77 -4.99
CA SER A 693 -20.67 6.62 -5.42
C SER A 693 -20.77 6.64 -6.95
N TYR A 694 -19.70 7.08 -7.59
CA TYR A 694 -19.60 7.05 -9.05
C TYR A 694 -18.88 5.80 -9.51
N ASP A 695 -18.87 4.78 -8.65
CA ASP A 695 -18.17 3.52 -8.89
C ASP A 695 -16.69 3.76 -9.23
N GLU A 696 -16.07 4.66 -8.50
CA GLU A 696 -14.65 4.96 -8.68
C GLU A 696 -13.79 4.35 -7.58
N ILE A 697 -12.57 3.96 -7.94
CA ILE A 697 -11.60 3.53 -6.95
C ILE A 697 -10.91 4.76 -6.36
N THR A 698 -11.20 5.03 -5.08
CA THR A 698 -10.69 6.22 -4.44
C THR A 698 -9.59 5.88 -3.44
N ALA A 699 -8.46 6.57 -3.54
CA ALA A 699 -7.35 6.39 -2.62
C ALA A 699 -7.18 7.62 -1.73
N MET A 700 -6.80 7.39 -0.48
CA MET A 700 -6.63 8.48 0.48
C MET A 700 -5.23 8.50 1.07
N THR A 701 -4.64 9.70 1.15
CA THR A 701 -3.29 9.85 1.66
C THR A 701 -3.26 10.89 2.78
N GLY A 702 -2.75 10.50 3.94
CA GLY A 702 -2.71 11.39 5.09
C GLY A 702 -1.66 11.05 6.12
N ASP A 703 -1.65 11.79 7.22
CA ASP A 703 -0.66 11.60 8.27
C ASP A 703 -1.23 11.89 9.67
N GLY A 704 -2.31 12.67 9.71
CA GLY A 704 -2.92 13.05 10.96
C GLY A 704 -4.11 12.20 11.35
N VAL A 705 -4.66 12.44 12.53
CA VAL A 705 -5.83 11.70 13.00
C VAL A 705 -7.10 12.23 12.34
N ASN A 706 -7.00 13.41 11.73
CA ASN A 706 -8.13 14.00 11.02
C ASN A 706 -8.35 13.34 9.67
N ASP A 707 -7.41 12.47 9.28
CA ASP A 707 -7.50 11.75 8.03
C ASP A 707 -7.94 10.31 8.24
N ALA A 708 -7.96 9.89 9.50
CA ALA A 708 -8.30 8.51 9.87
C ALA A 708 -9.65 8.02 9.32
N PRO A 709 -10.73 8.83 9.45
CA PRO A 709 -12.00 8.31 8.92
C PRO A 709 -11.99 8.09 7.41
N ALA A 710 -11.31 8.98 6.69
CA ALA A 710 -11.25 8.89 5.23
C ALA A 710 -10.33 7.76 4.78
N LEU A 711 -9.33 7.45 5.60
CA LEU A 711 -8.37 6.39 5.29
C LEU A 711 -9.03 5.02 5.31
N LYS A 712 -9.93 4.80 6.26
CA LYS A 712 -10.64 3.53 6.39
C LYS A 712 -11.73 3.40 5.33
N LYS A 713 -12.24 4.54 4.87
CA LYS A 713 -13.34 4.55 3.92
C LYS A 713 -12.88 4.29 2.48
N ALA A 714 -11.72 4.85 2.13
CA ALA A 714 -11.19 4.74 0.77
C ALA A 714 -10.86 3.29 0.42
N GLU A 715 -10.69 3.03 -0.87
CA GLU A 715 -10.25 1.71 -1.33
C GLU A 715 -8.86 1.44 -0.78
N ILE A 716 -7.95 2.39 -0.97
CA ILE A 716 -6.58 2.26 -0.49
C ILE A 716 -6.19 3.43 0.42
N GLY A 717 -5.83 3.11 1.66
CA GLY A 717 -5.34 4.11 2.59
C GLY A 717 -3.83 4.09 2.64
N ILE A 718 -3.22 5.24 2.36
CA ILE A 718 -1.76 5.36 2.34
C ILE A 718 -1.28 6.37 3.39
N ALA A 719 -0.44 5.91 4.32
CA ALA A 719 0.01 6.76 5.41
C ALA A 719 1.46 7.20 5.23
N MET A 720 1.79 8.32 5.86
CA MET A 720 3.15 8.84 5.86
C MET A 720 3.96 8.21 6.99
N GLY A 721 5.25 7.98 6.75
CA GLY A 721 6.12 7.40 7.75
C GLY A 721 6.28 8.30 8.96
N SER A 722 6.25 9.60 8.73
CA SER A 722 6.39 10.57 9.81
C SER A 722 5.03 10.90 10.43
N GLY A 723 3.97 10.33 9.85
CA GLY A 723 2.63 10.59 10.33
C GLY A 723 2.31 9.93 11.65
N THR A 724 1.08 10.12 12.12
CA THR A 724 0.65 9.51 13.38
C THR A 724 0.40 8.03 13.21
N ALA A 725 0.37 7.30 14.33
CA ALA A 725 0.16 5.86 14.30
C ALA A 725 -1.31 5.52 14.01
N VAL A 726 -2.19 6.46 14.34
CA VAL A 726 -3.61 6.29 14.08
C VAL A 726 -3.88 6.23 12.58
N ALA A 727 -3.18 7.09 11.83
CA ALA A 727 -3.31 7.11 10.38
C ALA A 727 -2.74 5.84 9.75
N LYS A 728 -1.60 5.39 10.30
CA LYS A 728 -0.95 4.16 9.81
C LYS A 728 -1.82 2.94 10.08
N THR A 729 -2.46 2.94 11.24
CA THR A 729 -3.35 1.85 11.64
C THR A 729 -4.53 1.75 10.67
N ALA A 730 -4.95 2.89 10.14
CA ALA A 730 -6.10 2.95 9.25
C ALA A 730 -5.70 2.82 7.78
N SER A 731 -4.47 2.40 7.52
CA SER A 731 -3.94 2.38 6.16
C SER A 731 -3.65 0.99 5.63
N GLU A 732 -3.53 0.89 4.31
CA GLU A 732 -3.15 -0.35 3.65
C GLU A 732 -1.68 -0.29 3.25
N MET A 733 -1.20 0.92 3.00
CA MET A 733 0.21 1.14 2.71
C MET A 733 0.81 2.19 3.65
N VAL A 734 2.12 2.07 3.89
CA VAL A 734 2.84 3.06 4.68
C VAL A 734 4.13 3.46 3.98
N LEU A 735 4.29 4.75 3.73
CA LEU A 735 5.49 5.26 3.07
C LEU A 735 6.51 5.72 4.10
N ALA A 736 7.39 4.82 4.50
CA ALA A 736 8.44 5.14 5.47
C ALA A 736 9.39 6.18 4.91
N ASP A 737 9.49 6.24 3.59
CA ASP A 737 10.34 7.19 2.91
C ASP A 737 9.74 8.60 2.95
N ASP A 738 8.44 8.66 3.24
CA ASP A 738 7.65 9.89 3.10
C ASP A 738 7.75 10.42 1.67
N ASN A 739 8.00 9.50 0.74
CA ASN A 739 8.17 9.83 -0.66
C ASN A 739 6.86 9.67 -1.43
N PHE A 740 6.28 10.79 -1.83
CA PHE A 740 4.99 10.80 -2.50
C PHE A 740 5.05 10.17 -3.88
N SER A 741 6.25 10.08 -4.44
CA SER A 741 6.44 9.56 -5.79
C SER A 741 6.17 8.06 -5.86
N THR A 742 6.28 7.38 -4.72
CA THR A 742 6.09 5.93 -4.67
C THR A 742 4.65 5.54 -5.02
N ILE A 743 3.71 6.44 -4.72
CA ILE A 743 2.30 6.20 -5.00
C ILE A 743 2.06 6.01 -6.50
N VAL A 744 2.67 6.88 -7.31
CA VAL A 744 2.56 6.78 -8.76
C VAL A 744 3.21 5.49 -9.26
N ALA A 745 4.34 5.13 -8.65
CA ALA A 745 5.03 3.90 -8.99
C ALA A 745 4.20 2.69 -8.58
N ALA A 746 3.51 2.81 -7.45
CA ALA A 746 2.65 1.74 -6.95
C ALA A 746 1.47 1.52 -7.89
N VAL A 747 0.90 2.62 -8.40
CA VAL A 747 -0.17 2.54 -9.39
C VAL A 747 0.33 1.81 -10.63
N GLU A 748 1.46 2.27 -11.16
CA GLU A 748 2.05 1.70 -12.36
C GLU A 748 2.38 0.22 -12.20
N GLU A 749 2.95 -0.14 -11.06
CA GLU A 749 3.35 -1.52 -10.78
C GLU A 749 2.16 -2.47 -10.77
N GLY A 750 1.05 -2.01 -10.18
CA GLY A 750 -0.15 -2.83 -10.08
C GLY A 750 -0.81 -3.09 -11.41
N ARG A 751 -0.54 -2.24 -12.40
CA ARG A 751 -1.11 -2.39 -13.73
C ARG A 751 -0.26 -3.32 -14.57
N ALA A 752 1.04 -3.33 -14.29
CA ALA A 752 1.94 -4.30 -14.89
C ALA A 752 1.49 -5.69 -14.46
N ILE A 753 1.18 -5.84 -13.18
CA ILE A 753 0.68 -7.08 -12.62
C ILE A 753 -0.53 -7.60 -13.39
N TYR A 754 -1.53 -6.72 -13.57
CA TYR A 754 -2.75 -7.10 -14.28
C TYR A 754 -2.46 -7.45 -15.74
N ASN A 755 -1.65 -6.63 -16.39
CA ASN A 755 -1.29 -6.87 -17.79
C ASN A 755 -0.46 -8.13 -17.95
N ASN A 756 0.43 -8.40 -17.00
CA ASN A 756 1.22 -9.62 -17.02
C ASN A 756 0.33 -10.84 -16.76
N MET A 757 -0.69 -10.65 -15.93
CA MET A 757 -1.66 -11.70 -15.69
C MET A 757 -2.50 -11.94 -16.94
N LYS A 758 -2.69 -10.88 -17.72
CA LYS A 758 -3.40 -10.99 -18.99
C LYS A 758 -2.60 -11.79 -20.01
N GLN A 759 -1.34 -11.40 -20.19
CA GLN A 759 -0.46 -12.04 -21.16
C GLN A 759 -0.22 -13.51 -20.80
N PHE A 760 -0.21 -13.80 -19.50
CA PHE A 760 -0.11 -15.18 -19.04
C PHE A 760 -1.31 -15.96 -19.54
N ILE A 761 -2.50 -15.42 -19.32
CA ILE A 761 -3.73 -16.03 -19.79
C ILE A 761 -3.74 -16.10 -21.32
N ARG A 762 -3.27 -15.03 -21.96
CA ARG A 762 -3.27 -14.96 -23.41
C ARG A 762 -2.35 -16.02 -24.02
N TYR A 763 -1.24 -16.29 -23.37
CA TYR A 763 -0.29 -17.29 -23.86
C TYR A 763 -0.82 -18.70 -23.67
N LEU A 764 -1.24 -19.03 -22.45
CA LEU A 764 -1.64 -20.39 -22.13
C LEU A 764 -2.90 -20.81 -22.88
N ILE A 765 -3.89 -19.94 -22.93
CA ILE A 765 -5.13 -20.26 -23.64
C ILE A 765 -4.88 -20.45 -25.12
N SER A 766 -4.32 -19.44 -25.77
CA SER A 766 -4.12 -19.46 -27.22
C SER A 766 -3.17 -20.58 -27.67
N SER A 767 -2.33 -21.07 -26.77
CA SER A 767 -1.40 -22.14 -27.10
C SER A 767 -2.00 -23.52 -26.82
N ASN A 768 -2.59 -23.66 -25.63
CA ASN A 768 -3.18 -24.94 -25.23
C ASN A 768 -4.45 -25.26 -26.01
N VAL A 769 -5.13 -24.22 -26.48
CA VAL A 769 -6.28 -24.41 -27.37
C VAL A 769 -5.78 -25.07 -28.65
N GLY A 770 -4.65 -24.58 -29.15
CA GLY A 770 -4.03 -25.14 -30.33
C GLY A 770 -3.67 -26.60 -30.15
N GLU A 771 -3.27 -26.97 -28.94
CA GLU A 771 -3.02 -28.36 -28.61
C GLU A 771 -4.30 -29.17 -28.73
N VAL A 772 -5.38 -28.62 -28.19
CA VAL A 772 -6.68 -29.27 -28.21
C VAL A 772 -7.24 -29.33 -29.63
N VAL A 773 -7.15 -28.22 -30.36
CA VAL A 773 -7.60 -28.15 -31.75
C VAL A 773 -6.89 -29.21 -32.59
N CYS A 774 -5.60 -29.40 -32.33
CA CYS A 774 -4.81 -30.40 -33.02
C CYS A 774 -5.38 -31.80 -32.86
N ILE A 775 -5.71 -32.16 -31.61
CA ILE A 775 -6.27 -33.47 -31.30
C ILE A 775 -7.62 -33.67 -31.99
N PHE A 776 -8.41 -32.59 -32.04
CA PHE A 776 -9.72 -32.64 -32.69
C PHE A 776 -9.60 -32.69 -34.21
N LEU A 777 -8.60 -31.99 -34.75
CA LEU A 777 -8.45 -31.86 -36.19
C LEU A 777 -8.01 -33.17 -36.85
N THR A 778 -7.23 -33.96 -36.11
CA THR A 778 -6.76 -35.25 -36.63
C THR A 778 -7.83 -36.33 -36.52
N ALA A 779 -8.50 -36.39 -35.38
CA ALA A 779 -9.50 -37.43 -35.13
C ALA A 779 -10.73 -37.28 -36.00
N ALA A 780 -10.98 -36.06 -36.47
CA ALA A 780 -12.16 -35.78 -37.29
C ALA A 780 -11.86 -35.98 -38.78
N LEU A 781 -10.71 -35.48 -39.23
CA LEU A 781 -10.33 -35.61 -40.63
C LEU A 781 -9.96 -37.05 -40.99
N GLY A 782 -9.86 -37.89 -39.97
CA GLY A 782 -9.54 -39.30 -40.17
C GLY A 782 -8.07 -39.49 -40.46
N LEU A 783 -7.22 -39.00 -39.58
CA LEU A 783 -5.77 -39.11 -39.72
C LEU A 783 -5.20 -40.05 -38.66
N PRO A 784 -3.94 -40.49 -38.83
CA PRO A 784 -3.27 -41.18 -37.73
C PRO A 784 -3.15 -40.27 -36.52
N GLU A 785 -3.06 -40.85 -35.32
CA GLU A 785 -2.95 -40.06 -34.11
C GLU A 785 -1.71 -39.18 -34.12
N ALA A 786 -1.89 -37.92 -33.71
CA ALA A 786 -0.78 -36.98 -33.68
C ALA A 786 0.06 -37.16 -32.42
N LEU A 787 -0.60 -37.51 -31.31
CA LEU A 787 0.08 -37.60 -30.03
C LEU A 787 -0.34 -38.80 -29.19
N ILE A 788 0.50 -39.12 -28.21
CA ILE A 788 0.30 -40.25 -27.30
C ILE A 788 0.30 -39.71 -25.88
N PRO A 789 -0.53 -40.28 -24.98
CA PRO A 789 -0.62 -39.93 -23.56
C PRO A 789 0.68 -39.43 -22.93
N VAL A 790 1.81 -40.05 -23.27
CA VAL A 790 3.11 -39.62 -22.78
C VAL A 790 3.55 -38.33 -23.48
N GLN A 791 3.37 -38.31 -24.81
CA GLN A 791 3.75 -37.15 -25.61
C GLN A 791 2.92 -35.92 -25.25
N LEU A 792 1.68 -36.15 -24.85
CA LEU A 792 0.80 -35.07 -24.41
C LEU A 792 1.28 -34.44 -23.12
N LEU A 793 1.80 -35.27 -22.22
CA LEU A 793 2.31 -34.79 -20.94
C LEU A 793 3.65 -34.07 -21.12
N TRP A 794 4.27 -34.27 -22.28
CA TRP A 794 5.56 -33.65 -22.56
C TRP A 794 5.42 -32.22 -23.06
N VAL A 795 4.49 -32.00 -23.99
CA VAL A 795 4.26 -30.65 -24.50
C VAL A 795 3.67 -29.76 -23.41
N ASN A 796 3.15 -30.40 -22.35
CA ASN A 796 2.66 -29.66 -21.19
C ASN A 796 3.80 -29.17 -20.32
N LEU A 797 4.68 -30.09 -19.93
CA LEU A 797 5.83 -29.79 -19.09
C LEU A 797 6.72 -28.71 -19.68
N VAL A 798 6.82 -28.70 -21.00
CA VAL A 798 7.76 -27.81 -21.69
C VAL A 798 7.13 -26.46 -22.03
N THR A 799 5.83 -26.45 -22.33
CA THR A 799 5.18 -25.23 -22.82
C THR A 799 4.24 -24.58 -21.81
N ASP A 800 3.89 -25.28 -20.75
CA ASP A 800 2.97 -24.75 -19.76
C ASP A 800 3.62 -24.57 -18.39
N GLY A 801 4.96 -24.59 -18.36
CA GLY A 801 5.69 -24.46 -17.12
C GLY A 801 6.38 -23.12 -16.97
N LEU A 802 7.71 -23.15 -17.06
CA LEU A 802 8.53 -21.95 -16.87
C LEU A 802 8.35 -20.87 -17.94
N PRO A 803 8.26 -21.26 -19.24
CA PRO A 803 7.99 -20.21 -20.24
C PRO A 803 6.69 -19.48 -19.97
N ALA A 804 5.75 -20.16 -19.32
CA ALA A 804 4.50 -19.55 -18.90
C ALA A 804 4.74 -18.65 -17.69
N THR A 805 5.38 -19.21 -16.67
CA THR A 805 5.62 -18.51 -15.41
C THR A 805 6.50 -17.27 -15.60
N ALA A 806 7.44 -17.35 -16.54
CA ALA A 806 8.37 -16.26 -16.80
C ALA A 806 7.67 -15.01 -17.33
N LEU A 807 6.42 -15.18 -17.77
CA LEU A 807 5.63 -14.04 -18.24
C LEU A 807 5.21 -13.15 -17.09
N GLY A 808 5.28 -13.68 -15.86
CA GLY A 808 4.98 -12.91 -14.68
C GLY A 808 6.05 -11.88 -14.40
N PHE A 809 7.24 -12.10 -14.97
CA PHE A 809 8.35 -11.18 -14.80
C PHE A 809 8.44 -10.21 -15.98
N ASN A 810 7.36 -10.10 -16.73
CA ASN A 810 7.29 -9.16 -17.85
C ASN A 810 7.47 -7.71 -17.41
N PRO A 811 8.16 -6.90 -18.23
CA PRO A 811 8.26 -5.48 -17.96
C PRO A 811 6.93 -4.78 -18.22
N PRO A 812 6.69 -3.62 -17.57
CA PRO A 812 5.47 -2.86 -17.81
C PRO A 812 5.36 -2.39 -19.25
N ASP A 813 4.13 -2.30 -19.76
CA ASP A 813 3.89 -1.89 -21.14
C ASP A 813 4.43 -0.48 -21.38
N LEU A 814 4.71 -0.15 -22.64
CA LEU A 814 5.29 1.13 -23.01
C LEU A 814 4.35 2.30 -22.69
N ASP A 815 3.06 2.11 -22.94
CA ASP A 815 2.08 3.17 -22.69
C ASP A 815 1.22 2.85 -21.46
N ILE A 816 1.84 2.23 -20.46
CA ILE A 816 1.10 1.79 -19.27
C ILE A 816 0.62 2.98 -18.44
N MET A 817 1.37 4.08 -18.45
CA MET A 817 1.01 5.26 -17.68
C MET A 817 0.60 6.42 -18.58
N ASP A 818 0.06 6.08 -19.75
CA ASP A 818 -0.49 7.06 -20.66
C ASP A 818 -1.92 6.68 -21.03
N ARG A 819 -2.35 5.53 -20.52
CA ARG A 819 -3.74 5.08 -20.66
C ARG A 819 -4.50 5.38 -19.38
N PRO A 820 -5.83 5.54 -19.49
CA PRO A 820 -6.67 5.80 -18.31
C PRO A 820 -6.71 4.60 -17.36
N PRO A 821 -7.12 4.82 -16.10
CA PRO A 821 -7.21 3.71 -15.14
C PRO A 821 -8.28 2.71 -15.55
N ARG A 822 -7.91 1.43 -15.53
CA ARG A 822 -8.83 0.34 -15.84
C ARG A 822 -10.02 0.35 -14.89
N SER A 823 -11.23 0.30 -15.44
CA SER A 823 -12.43 0.18 -14.62
C SER A 823 -12.39 -1.14 -13.86
N PRO A 824 -12.76 -1.11 -12.57
CA PRO A 824 -12.67 -2.29 -11.71
C PRO A 824 -13.55 -3.43 -12.18
N LYS A 825 -14.61 -3.09 -12.91
CA LYS A 825 -15.60 -4.07 -13.34
C LYS A 825 -15.43 -4.44 -14.81
N GLU A 826 -14.20 -4.32 -15.32
CA GLU A 826 -13.90 -4.72 -16.68
C GLU A 826 -13.81 -6.24 -16.77
N PRO A 827 -14.35 -6.82 -17.85
CA PRO A 827 -14.27 -8.27 -18.05
C PRO A 827 -12.82 -8.75 -18.10
N LEU A 828 -12.52 -9.82 -17.38
CA LEU A 828 -11.18 -10.36 -17.32
C LEU A 828 -10.62 -10.63 -18.72
N ILE A 829 -11.48 -11.19 -19.57
CA ILE A 829 -11.17 -11.33 -20.99
C ILE A 829 -12.12 -10.45 -21.79
N SER A 830 -11.57 -9.48 -22.52
CA SER A 830 -12.39 -8.63 -23.36
C SER A 830 -13.05 -9.46 -24.46
N GLY A 831 -14.11 -8.92 -25.05
CA GLY A 831 -14.83 -9.62 -26.10
C GLY A 831 -13.96 -9.90 -27.31
N TRP A 832 -12.99 -9.03 -27.54
CA TRP A 832 -12.12 -9.18 -28.70
C TRP A 832 -10.87 -10.03 -28.41
N LEU A 833 -10.37 -9.96 -27.17
CA LEU A 833 -9.20 -10.75 -26.78
C LEU A 833 -9.46 -12.24 -26.96
N PHE A 834 -10.72 -12.62 -26.83
CA PHE A 834 -11.15 -14.02 -27.00
C PHE A 834 -10.93 -14.49 -28.43
N PHE A 835 -10.97 -13.54 -29.37
CA PHE A 835 -10.77 -13.84 -30.78
C PHE A 835 -9.32 -14.21 -31.08
N ARG A 836 -8.40 -13.62 -30.33
CA ARG A 836 -6.98 -13.95 -30.47
C ARG A 836 -6.71 -15.38 -30.05
N TYR A 837 -7.35 -15.78 -28.96
CA TYR A 837 -7.15 -17.11 -28.37
C TYR A 837 -7.52 -18.18 -29.37
N MET A 838 -8.45 -17.84 -30.26
CA MET A 838 -8.91 -18.76 -31.29
C MET A 838 -8.07 -18.61 -32.56
N ALA A 839 -7.79 -17.36 -32.93
CA ALA A 839 -6.98 -17.07 -34.12
C ALA A 839 -5.60 -17.68 -33.99
N ILE A 840 -5.04 -17.61 -32.79
CA ILE A 840 -3.74 -18.23 -32.52
C ILE A 840 -3.92 -19.73 -32.30
N GLY A 841 -4.94 -20.09 -31.51
CA GLY A 841 -5.23 -21.49 -31.25
C GLY A 841 -5.62 -22.26 -32.49
N GLY A 842 -6.21 -21.55 -33.46
CA GLY A 842 -6.61 -22.18 -34.71
C GLY A 842 -5.42 -22.58 -35.56
N TYR A 843 -4.46 -21.67 -35.68
CA TYR A 843 -3.27 -21.93 -36.48
C TYR A 843 -2.38 -22.99 -35.84
N VAL A 844 -2.20 -22.90 -34.53
CA VAL A 844 -1.40 -23.87 -33.79
C VAL A 844 -1.97 -25.27 -33.98
N GLY A 845 -3.30 -25.37 -33.95
CA GLY A 845 -3.97 -26.64 -34.20
C GLY A 845 -3.78 -27.10 -35.63
N ALA A 846 -3.75 -26.15 -36.56
CA ALA A 846 -3.61 -26.47 -37.98
C ALA A 846 -2.14 -26.66 -38.35
N ALA A 847 -1.24 -26.15 -37.53
CA ALA A 847 0.19 -26.28 -37.77
C ALA A 847 0.69 -27.64 -37.30
N THR A 848 0.16 -28.09 -36.17
CA THR A 848 0.58 -29.35 -35.56
C THR A 848 0.06 -30.54 -36.36
N VAL A 849 -1.08 -30.36 -37.02
CA VAL A 849 -1.68 -31.41 -37.82
C VAL A 849 -1.03 -31.49 -39.21
N GLY A 850 -0.78 -30.32 -39.79
CA GLY A 850 -0.15 -30.25 -41.10
C GLY A 850 1.25 -30.83 -41.12
N ALA A 851 1.90 -30.84 -39.96
CA ALA A 851 3.25 -31.37 -39.83
C ALA A 851 3.26 -32.89 -39.94
N ALA A 852 2.38 -33.54 -39.18
CA ALA A 852 2.29 -35.00 -39.19
C ALA A 852 1.80 -35.51 -40.54
N ALA A 853 1.03 -34.69 -41.24
CA ALA A 853 0.50 -35.04 -42.55
C ALA A 853 1.56 -34.88 -43.63
N TRP A 854 2.38 -33.84 -43.51
CA TRP A 854 3.42 -33.53 -44.48
C TRP A 854 4.45 -34.66 -44.58
N TRP A 855 4.73 -35.31 -43.46
CA TRP A 855 5.60 -36.48 -43.46
C TRP A 855 4.98 -37.60 -44.28
N PHE A 856 3.67 -37.75 -44.16
CA PHE A 856 2.92 -38.76 -44.89
C PHE A 856 2.78 -38.43 -46.37
N MET A 857 2.88 -37.15 -46.71
CA MET A 857 2.46 -36.72 -48.04
C MET A 857 3.52 -36.09 -48.92
N TYR A 858 4.61 -35.59 -48.33
CA TYR A 858 5.62 -34.90 -49.15
C TYR A 858 7.05 -35.15 -48.69
N ALA A 859 7.21 -35.91 -47.61
CA ALA A 859 8.54 -36.24 -47.10
C ALA A 859 9.21 -37.27 -48.01
N GLU A 860 10.45 -37.00 -48.40
CA GLU A 860 11.21 -37.92 -49.23
C GLU A 860 11.62 -39.15 -48.44
N ASP A 861 11.90 -38.94 -47.15
CA ASP A 861 12.20 -40.05 -46.25
C ASP A 861 10.91 -40.82 -45.98
N GLY A 862 9.79 -40.10 -45.96
CA GLY A 862 8.50 -40.72 -45.87
C GLY A 862 8.06 -41.19 -47.25
N PRO A 863 6.80 -41.63 -47.38
CA PRO A 863 6.28 -42.12 -48.65
C PRO A 863 6.21 -41.05 -49.75
N GLY A 864 5.85 -39.83 -49.37
CA GLY A 864 5.73 -38.74 -50.33
C GLY A 864 4.50 -38.83 -51.22
N VAL A 865 3.54 -39.65 -50.81
CA VAL A 865 2.30 -39.90 -51.54
C VAL A 865 1.36 -38.69 -51.51
N THR A 866 0.49 -38.58 -52.51
CA THR A 866 -0.42 -37.44 -52.61
C THR A 866 -1.70 -37.70 -51.81
N TYR A 867 -2.58 -36.69 -51.85
CA TYR A 867 -3.76 -36.48 -50.97
C TYR A 867 -4.32 -37.58 -50.08
N HIS A 868 -4.47 -37.24 -48.81
CA HIS A 868 -5.40 -37.87 -47.86
C HIS A 868 -5.27 -39.36 -47.66
N GLN A 869 -4.04 -39.82 -47.46
CA GLN A 869 -3.72 -41.24 -47.29
C GLN A 869 -4.42 -42.10 -48.33
N LEU A 870 -4.42 -41.63 -49.58
CA LEU A 870 -5.06 -42.36 -50.66
C LEU A 870 -6.56 -42.47 -50.37
N THR A 871 -7.06 -41.42 -49.71
CA THR A 871 -8.47 -41.17 -49.37
C THR A 871 -8.95 -41.82 -48.06
N HIS A 872 -8.19 -42.79 -47.52
CA HIS A 872 -8.57 -43.45 -46.26
C HIS A 872 -7.39 -43.99 -45.43
N PHE A 873 -7.65 -44.30 -44.15
CA PHE A 873 -6.61 -44.80 -43.24
C PHE A 873 -6.73 -46.32 -43.03
N MET A 874 -7.60 -46.95 -43.82
CA MET A 874 -7.90 -48.37 -43.62
C MET A 874 -6.70 -49.30 -43.77
N GLN A 875 -5.86 -49.03 -44.76
CA GLN A 875 -4.74 -49.89 -45.14
C GLN A 875 -3.85 -50.24 -43.94
N CYS A 876 -3.16 -51.36 -43.98
CA CYS A 876 -2.26 -51.68 -42.87
C CYS A 876 -1.15 -52.59 -43.36
N THR A 877 -1.51 -53.45 -44.30
CA THR A 877 -0.62 -54.41 -44.92
C THR A 877 -1.20 -54.72 -46.31
N GLU A 878 -0.46 -55.44 -47.13
CA GLU A 878 -0.94 -55.88 -48.43
C GLU A 878 -2.24 -56.66 -48.31
N ASP A 879 -2.97 -56.76 -49.43
CA ASP A 879 -4.18 -57.57 -49.60
C ASP A 879 -5.48 -56.92 -49.10
N HIS A 880 -5.42 -55.62 -48.83
CA HIS A 880 -6.63 -54.86 -48.51
C HIS A 880 -7.02 -54.07 -49.79
N PRO A 881 -7.78 -52.94 -49.70
CA PRO A 881 -8.07 -52.41 -51.04
C PRO A 881 -6.83 -51.95 -51.83
N HIS A 882 -6.64 -52.56 -53.00
CA HIS A 882 -5.47 -52.32 -53.81
C HIS A 882 -5.58 -50.99 -54.56
N PHE A 883 -5.57 -49.90 -53.80
CA PHE A 883 -5.58 -48.56 -54.38
C PHE A 883 -4.16 -48.01 -54.47
N GLU A 884 -3.30 -48.72 -55.20
CA GLU A 884 -1.90 -48.35 -55.36
C GLU A 884 -1.19 -48.25 -54.02
N GLY A 885 -1.52 -49.18 -53.12
CA GLY A 885 -0.91 -49.21 -51.80
C GLY A 885 0.46 -49.87 -51.83
N LEU A 886 1.39 -49.25 -52.55
CA LEU A 886 2.75 -49.75 -52.66
C LEU A 886 3.43 -49.79 -51.29
N ASP A 887 3.10 -48.80 -50.47
CA ASP A 887 3.66 -48.70 -49.12
C ASP A 887 3.04 -49.74 -48.19
N CYS A 888 3.87 -50.33 -47.34
CA CYS A 888 3.41 -51.36 -46.41
C CYS A 888 3.02 -50.77 -45.06
N GLU A 889 4.02 -50.33 -44.30
CA GLU A 889 3.80 -49.79 -42.98
C GLU A 889 4.04 -48.28 -42.94
N ILE A 890 3.13 -47.52 -43.55
CA ILE A 890 3.20 -46.07 -43.47
C ILE A 890 2.21 -45.55 -42.45
N PHE A 891 1.71 -46.43 -41.61
CA PHE A 891 0.81 -46.04 -40.54
C PHE A 891 1.42 -46.46 -39.19
N GLU A 892 0.99 -45.79 -38.12
CA GLU A 892 1.57 -45.97 -36.80
C GLU A 892 3.08 -45.68 -36.85
N ALA A 893 3.46 -44.83 -37.80
CA ALA A 893 4.83 -44.36 -37.90
C ALA A 893 5.06 -43.31 -36.83
N PRO A 894 6.18 -43.40 -36.11
CA PRO A 894 6.48 -42.51 -34.99
C PRO A 894 7.04 -41.15 -35.40
N GLU A 895 7.64 -41.07 -36.59
CA GLU A 895 8.24 -39.83 -37.08
C GLU A 895 7.26 -38.66 -37.21
N PRO A 896 6.01 -38.91 -37.68
CA PRO A 896 5.11 -37.76 -37.78
C PRO A 896 4.52 -37.33 -36.43
N MET A 897 4.41 -38.26 -35.48
CA MET A 897 3.97 -37.89 -34.15
C MET A 897 5.01 -36.94 -33.54
N THR A 898 6.27 -37.24 -33.79
CA THR A 898 7.38 -36.32 -33.54
C THR A 898 7.08 -34.96 -34.09
N MET A 899 6.95 -34.97 -35.41
CA MET A 899 6.76 -33.82 -36.23
C MET A 899 5.71 -32.93 -35.61
N ALA A 900 4.63 -33.54 -35.11
CA ALA A 900 3.58 -32.79 -34.43
C ALA A 900 4.07 -32.35 -33.05
N LEU A 901 4.71 -33.27 -32.33
CA LEU A 901 5.23 -33.01 -30.99
C LEU A 901 6.25 -31.87 -30.99
N SER A 902 7.05 -31.79 -32.06
CA SER A 902 8.09 -30.78 -32.16
C SER A 902 7.54 -29.43 -32.62
N VAL A 903 6.57 -29.45 -33.52
CA VAL A 903 5.92 -28.22 -33.95
C VAL A 903 5.19 -27.60 -32.76
N LEU A 904 4.49 -28.45 -32.00
CA LEU A 904 3.73 -28.00 -30.84
C LEU A 904 4.63 -27.27 -29.84
N VAL A 905 5.77 -27.86 -29.52
CA VAL A 905 6.73 -27.23 -28.61
C VAL A 905 7.29 -25.93 -29.19
N THR A 906 7.77 -26.01 -30.43
CA THR A 906 8.36 -24.85 -31.11
C THR A 906 7.35 -23.71 -31.23
N ILE A 907 6.14 -24.03 -31.65
CA ILE A 907 5.12 -23.02 -31.91
C ILE A 907 4.64 -22.33 -30.64
N GLU A 908 4.80 -22.99 -29.50
CA GLU A 908 4.39 -22.40 -28.24
C GLU A 908 5.48 -21.51 -27.66
N MET A 909 6.74 -21.95 -27.79
CA MET A 909 7.87 -21.11 -27.43
C MET A 909 7.87 -19.90 -28.35
N CYS A 910 7.44 -20.12 -29.59
CA CYS A 910 7.24 -19.04 -30.54
C CYS A 910 6.11 -18.12 -30.10
N ASN A 911 5.00 -18.72 -29.67
CA ASN A 911 3.84 -17.96 -29.24
C ASN A 911 4.10 -17.18 -27.96
N ALA A 912 4.99 -17.69 -27.12
CA ALA A 912 5.33 -17.04 -25.86
C ALA A 912 5.98 -15.68 -26.10
N LEU A 913 6.69 -15.55 -27.21
CA LEU A 913 7.37 -14.30 -27.56
C LEU A 913 6.37 -13.19 -27.87
N ASN A 914 5.12 -13.57 -28.14
CA ASN A 914 4.07 -12.60 -28.41
C ASN A 914 3.42 -12.12 -27.11
N SER A 915 3.74 -12.78 -26.01
CA SER A 915 3.15 -12.47 -24.72
C SER A 915 4.06 -11.56 -23.89
N LEU A 916 4.78 -10.67 -24.57
CA LEU A 916 5.63 -9.70 -23.88
C LEU A 916 4.85 -8.43 -23.59
N SER A 917 3.89 -8.13 -24.47
CA SER A 917 3.02 -6.97 -24.30
C SER A 917 1.65 -7.25 -24.90
N GLU A 918 0.64 -6.49 -24.45
CA GLU A 918 -0.72 -6.70 -24.90
C GLU A 918 -0.89 -6.40 -26.38
N ASN A 919 -0.49 -5.20 -26.80
CA ASN A 919 -0.68 -4.77 -28.18
C ASN A 919 0.59 -4.23 -28.83
N GLN A 920 1.66 -4.10 -28.05
CA GLN A 920 2.91 -3.60 -28.58
C GLN A 920 3.62 -4.68 -29.39
N SER A 921 4.15 -4.30 -30.55
CA SER A 921 4.84 -5.23 -31.43
C SER A 921 6.17 -5.68 -30.86
N LEU A 922 6.76 -6.71 -31.47
CA LEU A 922 8.08 -7.18 -31.09
C LEU A 922 9.14 -6.20 -31.59
N MET A 923 8.71 -5.25 -32.42
CA MET A 923 9.57 -4.19 -32.92
C MET A 923 9.88 -3.18 -31.81
N ARG A 924 8.82 -2.68 -31.19
CA ARG A 924 8.96 -1.68 -30.13
C ARG A 924 9.37 -2.32 -28.81
N MET A 925 8.88 -3.52 -28.56
CA MET A 925 9.27 -4.26 -27.35
C MET A 925 9.92 -5.58 -27.72
N PRO A 926 11.23 -5.53 -28.02
CA PRO A 926 12.04 -6.69 -28.45
C PRO A 926 12.11 -7.79 -27.39
N PRO A 927 12.42 -9.03 -27.81
CA PRO A 927 12.47 -10.19 -26.90
C PRO A 927 13.43 -10.05 -25.73
N TRP A 928 14.41 -9.16 -25.82
CA TRP A 928 15.42 -9.06 -24.77
C TRP A 928 15.01 -8.12 -23.63
N VAL A 929 13.75 -7.68 -23.63
CA VAL A 929 13.23 -6.92 -22.50
C VAL A 929 12.89 -7.88 -21.37
N ASN A 930 12.75 -9.16 -21.72
CA ASN A 930 12.50 -10.21 -20.76
C ASN A 930 13.52 -11.33 -20.93
N ILE A 931 14.59 -11.26 -20.15
CA ILE A 931 15.64 -12.28 -20.22
C ILE A 931 15.18 -13.57 -19.55
N TRP A 932 14.32 -13.43 -18.53
CA TRP A 932 13.80 -14.58 -17.80
C TRP A 932 12.99 -15.50 -18.70
N LEU A 933 12.30 -14.92 -19.68
CA LEU A 933 11.49 -15.71 -20.61
C LEU A 933 12.37 -16.48 -21.59
N LEU A 934 13.38 -15.81 -22.14
CA LEU A 934 14.26 -16.42 -23.13
C LEU A 934 15.02 -17.61 -22.55
N GLY A 935 15.36 -17.51 -21.26
CA GLY A 935 16.03 -18.60 -20.57
C GLY A 935 15.12 -19.80 -20.42
N SER A 936 13.85 -19.55 -20.21
CA SER A 936 12.86 -20.62 -20.09
C SER A 936 12.61 -21.26 -21.45
N ILE A 937 12.66 -20.46 -22.51
CA ILE A 937 12.52 -20.97 -23.86
C ILE A 937 13.70 -21.86 -24.22
N CYS A 938 14.91 -21.36 -23.96
CA CYS A 938 16.13 -22.13 -24.20
C CYS A 938 16.13 -23.42 -23.39
N LEU A 939 15.70 -23.33 -22.14
CA LEU A 939 15.62 -24.50 -21.27
C LEU A 939 14.63 -25.52 -21.82
N SER A 940 13.51 -25.03 -22.34
CA SER A 940 12.48 -25.89 -22.90
C SER A 940 12.93 -26.49 -24.24
N MET A 941 13.58 -25.68 -25.06
CA MET A 941 14.09 -26.15 -26.34
C MET A 941 15.23 -27.15 -26.15
N SER A 942 16.12 -26.86 -25.20
CA SER A 942 17.23 -27.76 -24.90
C SER A 942 16.74 -29.08 -24.32
N LEU A 943 15.70 -29.00 -23.48
CA LEU A 943 15.12 -30.19 -22.87
C LEU A 943 14.47 -31.06 -23.94
N HIS A 944 14.03 -30.43 -25.03
CA HIS A 944 13.42 -31.13 -26.14
C HIS A 944 14.49 -31.74 -27.05
N PHE A 945 15.60 -31.03 -27.23
CA PHE A 945 16.72 -31.57 -27.98
C PHE A 945 17.35 -32.75 -27.25
N LEU A 946 17.39 -32.65 -25.93
CA LEU A 946 17.93 -33.70 -25.08
C LEU A 946 17.11 -34.96 -25.19
N ILE A 947 15.79 -34.80 -25.09
CA ILE A 947 14.85 -35.92 -25.09
C ILE A 947 14.82 -36.66 -26.43
N LEU A 948 15.51 -36.12 -27.43
CA LEU A 948 15.45 -36.63 -28.80
C LEU A 948 16.74 -37.25 -29.31
N TYR A 949 17.85 -36.96 -28.64
CA TYR A 949 19.14 -37.39 -29.16
C TYR A 949 19.85 -38.28 -28.19
N VAL A 950 19.45 -38.22 -26.93
CA VAL A 950 19.94 -39.14 -25.91
C VAL A 950 19.24 -40.50 -26.13
N ASP A 951 19.89 -41.33 -26.94
CA ASP A 951 19.31 -42.54 -27.58
C ASP A 951 18.24 -43.35 -26.83
N PRO A 952 18.40 -43.59 -25.51
CA PRO A 952 17.31 -44.30 -24.86
C PRO A 952 16.00 -43.53 -24.80
N LEU A 953 16.07 -42.20 -24.76
CA LEU A 953 14.86 -41.37 -24.65
C LEU A 953 13.96 -41.39 -25.91
N PRO A 954 14.55 -41.36 -27.12
CA PRO A 954 13.71 -41.53 -28.31
C PRO A 954 12.88 -42.82 -28.32
N MET A 955 13.37 -43.88 -27.70
CA MET A 955 12.60 -45.12 -27.63
C MET A 955 11.35 -44.91 -26.78
N ILE A 956 11.48 -44.05 -25.78
CA ILE A 956 10.40 -43.79 -24.84
C ILE A 956 9.39 -42.84 -25.45
N PHE A 957 9.88 -41.74 -25.97
CA PHE A 957 8.98 -40.77 -26.53
C PHE A 957 8.73 -40.98 -28.01
N LYS A 958 9.26 -42.09 -28.55
CA LYS A 958 8.97 -42.63 -29.89
C LYS A 958 9.52 -41.86 -31.10
N LEU A 959 10.74 -41.35 -31.03
CA LEU A 959 11.16 -40.32 -31.97
C LEU A 959 12.48 -40.63 -32.70
N LYS A 960 12.40 -41.04 -33.96
CA LYS A 960 13.55 -41.03 -34.87
C LYS A 960 13.74 -39.61 -35.41
N ALA A 961 14.75 -38.92 -34.90
CA ALA A 961 14.96 -37.51 -35.25
C ALA A 961 15.35 -37.37 -36.70
N LEU A 962 14.33 -37.18 -37.55
CA LEU A 962 14.58 -36.72 -38.90
C LEU A 962 15.09 -35.28 -38.81
N ASP A 963 16.37 -35.14 -38.46
CA ASP A 963 16.88 -33.92 -37.86
C ASP A 963 16.98 -32.66 -38.73
N LEU A 964 17.63 -32.75 -39.88
CA LEU A 964 17.95 -31.52 -40.57
C LEU A 964 16.72 -30.97 -41.27
N THR A 965 16.32 -31.59 -42.38
CA THR A 965 15.31 -31.02 -43.27
C THR A 965 13.91 -30.87 -42.67
N GLN A 966 13.57 -31.72 -41.71
CA GLN A 966 12.20 -31.72 -41.18
C GLN A 966 12.03 -30.74 -40.02
N TRP A 967 13.07 -30.55 -39.22
CA TRP A 967 13.00 -29.53 -38.17
C TRP A 967 12.85 -28.15 -38.81
N LEU A 968 13.42 -28.00 -40.01
CA LEU A 968 13.25 -26.80 -40.80
C LEU A 968 11.76 -26.52 -41.03
N MET A 969 11.02 -27.57 -41.40
CA MET A 969 9.59 -27.47 -41.62
C MET A 969 8.86 -27.18 -40.31
N VAL A 970 9.35 -27.78 -39.22
CA VAL A 970 8.82 -27.53 -37.89
C VAL A 970 9.00 -26.06 -37.53
N LEU A 971 10.22 -25.57 -37.73
CA LEU A 971 10.54 -24.17 -37.50
C LEU A 971 9.78 -23.25 -38.46
N LYS A 972 9.56 -23.74 -39.69
CA LYS A 972 8.94 -22.93 -40.72
C LYS A 972 7.48 -22.61 -40.46
N ILE A 973 6.70 -23.60 -40.05
CA ILE A 973 5.26 -23.40 -39.85
C ILE A 973 4.99 -22.72 -38.50
N SER A 974 5.87 -22.92 -37.54
CA SER A 974 5.71 -22.33 -36.22
C SER A 974 5.99 -20.83 -36.23
N LEU A 975 6.73 -20.37 -37.24
CA LEU A 975 7.14 -18.97 -37.32
C LEU A 975 6.00 -17.98 -37.66
N PRO A 976 5.09 -18.33 -38.59
CA PRO A 976 4.02 -17.37 -38.86
C PRO A 976 3.05 -17.15 -37.69
N VAL A 977 3.06 -18.02 -36.69
CA VAL A 977 2.15 -17.86 -35.56
C VAL A 977 2.54 -16.64 -34.73
N ILE A 978 3.80 -16.24 -34.82
CA ILE A 978 4.26 -15.01 -34.17
C ILE A 978 4.15 -13.87 -35.15
N GLY A 979 4.15 -14.21 -36.43
CA GLY A 979 3.96 -13.23 -37.48
C GLY A 979 2.51 -12.83 -37.53
N LEU A 980 1.62 -13.81 -37.41
CA LEU A 980 0.18 -13.57 -37.42
C LEU A 980 -0.23 -12.74 -36.21
N ASP A 981 0.27 -13.10 -35.03
CA ASP A 981 -0.03 -12.36 -33.81
C ASP A 981 0.47 -10.93 -33.93
N GLU A 982 1.62 -10.77 -34.59
CA GLU A 982 2.18 -9.45 -34.86
C GLU A 982 1.23 -8.63 -35.72
N ILE A 983 0.60 -9.30 -36.68
CA ILE A 983 -0.42 -8.67 -37.51
C ILE A 983 -1.70 -8.52 -36.69
N LEU A 984 -1.96 -9.51 -35.84
CA LEU A 984 -3.14 -9.49 -34.99
C LEU A 984 -3.05 -8.41 -33.93
N LYS A 985 -1.85 -8.21 -33.39
CA LYS A 985 -1.60 -7.14 -32.42
C LYS A 985 -1.76 -5.78 -33.06
N PHE A 986 -1.28 -5.66 -34.30
CA PHE A 986 -1.38 -4.41 -35.04
C PHE A 986 -2.83 -3.95 -35.21
N ILE A 987 -3.73 -4.92 -35.36
CA ILE A 987 -5.14 -4.61 -35.54
C ILE A 987 -5.69 -3.84 -34.33
N ALA A 988 -5.75 -4.50 -33.17
CA ALA A 988 -6.30 -3.88 -31.97
C ALA A 988 -5.52 -2.66 -31.56
N ARG A 989 -4.24 -2.63 -31.93
CA ARG A 989 -3.43 -1.45 -31.69
C ARG A 989 -4.14 -0.29 -32.40
N ASN A 990 -4.38 -0.47 -33.70
CA ASN A 990 -5.02 0.57 -34.51
C ASN A 990 -6.55 0.58 -34.44
N TYR A 991 -7.15 -0.56 -34.13
CA TYR A 991 -8.61 -0.69 -34.12
C TYR A 991 -9.22 0.17 -33.01
N LEU A 992 -8.75 -0.02 -31.78
CA LEU A 992 -9.24 0.76 -30.65
C LEU A 992 -8.22 1.82 -30.26
N GLU A 993 -8.53 3.07 -30.61
CA GLU A 993 -7.69 4.22 -30.27
C GLU A 993 -6.25 4.03 -30.73
N GLY A 994 -6.08 3.80 -32.03
CA GLY A 994 -4.78 3.54 -32.64
C GLY A 994 -3.63 4.46 -32.29
CA CA B . -1.03 -27.16 -18.70
CA CA C . 0.94 -25.73 -24.06
K K D . -9.12 1.25 4.09
PG ACP E . -4.36 18.95 7.67
O1G ACP E . -4.06 20.12 6.79
O2G ACP E . -5.70 18.28 7.31
O3G ACP E . -3.27 17.87 7.61
PB ACP E . -4.80 21.21 9.67
O1B ACP E . -3.92 21.60 10.91
O2B ACP E . -4.52 22.23 8.60
C3B ACP E . -4.49 19.46 9.39
PA ACP E . -7.06 20.89 11.51
O1A ACP E . -8.39 20.28 11.12
O2A ACP E . -6.29 19.89 12.28
O3A ACP E . -6.30 21.25 10.15
O5' ACP E . -7.34 22.28 12.26
C5' ACP E . -7.94 23.42 11.62
C4' ACP E . -7.12 24.64 11.90
O4' ACP E . -6.82 24.71 13.31
C3' ACP E . -5.74 24.67 11.23
O3' ACP E . -5.84 25.13 9.89
C2' ACP E . -4.96 25.63 12.12
O2' ACP E . -5.16 26.99 11.72
C1' ACP E . -5.59 25.41 13.50
N9 ACP E . -4.77 24.64 14.43
C8 ACP E . -3.98 23.55 14.14
N7 ACP E . -3.33 23.07 15.17
C5 ACP E . -3.70 23.90 16.22
C6 ACP E . -3.35 23.91 17.57
N6 ACP E . -2.51 23.04 18.14
N1 ACP E . -3.90 24.86 18.35
C2 ACP E . -4.74 25.75 17.79
N3 ACP E . -5.15 25.83 16.51
C4 ACP E . -4.59 24.87 15.77
CA CA F . -1.96 16.27 8.41
#